data_8XT9
#
_entry.id   8XT9
#
_cell.length_a   1.00
_cell.length_b   1.00
_cell.length_c   1.00
_cell.angle_alpha   90.00
_cell.angle_beta   90.00
_cell.angle_gamma   90.00
#
_symmetry.space_group_name_H-M   'P 1'
#
loop_
_entity.id
_entity.type
_entity.pdbx_description
1 polymer 'Leucine-rich repeat-containing G-protein coupled receptor 4'
2 polymer MB52
#
loop_
_entity_poly.entity_id
_entity_poly.type
_entity_poly.pdbx_seq_one_letter_code
_entity_poly.pdbx_strand_id
1 'polypeptide(L)'
;MPGPLGLLCFLALGLLGSAGPSGAAPPLCAAPCSCDGDRRVDCSGKGLTAVPEGLSAFTQALDISMNNITQLPEDAFKNF
PFLEELQLAGNDLSFIHPKALSGLKELKVLTLQNNQLKTVPSEAIRGLSALQSLRLDANHITSVPEDSFEGLVQLRHLWL
DDNSLTEVPVHPLSNLPTLQALTLALNKISSIPDFAFTNLSSLVVLHLHNNKIRSLSQHCFDGLDNLETLDLNYNNLGEF
PQAIKALPSLKELGFHSNSISVIPDGAFDGNPLLRTIHLYDNPLSFVGNSAFHNLSDLHSLVIRGASMVQQFPNLTGTVH
LESLTLTGTKISSIPNNLCQEQKMLRTLDLSYNNIRDLPSFNGCHALEEISLQRNQIYQIKEGTFQGLISLRILDLSRNL
IHEIHSRAFATLGPITNLDVSFNELTSFPTEGLNGLNQLKLVGNFKLKEALAAKDFVNLRSLSVPYAYQCCAFWGCDSYA
NLNTEDNSLQDHSVAQEKGTADAANVTSTLENEEHSQIIIHCTPSTGAFKPCEYLLGSWMIRLTVWFIFLVALFFNLLVI
LTTFASCTSLPSSKLFIGLISVSNLFMGIYTGILTFLDAVSWGRFAEFGIWWETGSGCKVAGFLAVFSSESAIFLLMLAT
VERSLSAKDIMKNGKSNHLKQFRVAALLAFLGATVAGCFPLFHRGEYSASPLCLPFPTGETPSLGFTVTLVLLNSLAFLL
MAVIYTKLYCNLEKEDLSENSQSSMIKHVAWLIFTNCIFFCPVAFFSFAPLITAISISPEIMKSVTLIFFPLPACLNPVL
YVFFNPKFKEDWKLLKRRVTKKSGSVSVSISSQGGCLEQDFYYDCGMYSHLQGNLTVCDCCESFLLTKPVSCKHLIKSHS
CPALAVASCQRPEGYWSDCGTQSAHSDYADEEDSFVSDSSDQVQACGRACFYQSRGFPLVRYAYNLPRVKD
;
C
2 'polypeptide(L)'
;GSLRLSCAASGYTYSPYCMGWFRQAPGKAREGVATVDLDGSTIYADSVKGRFTISQDNAKNTLYLQMNSLKPEDTAMYYC
ASRTRAGVTCGLNWAIFSYWGQGTQVTVSS
;
A
#
# COMPACT_ATOMS: atom_id res chain seq x y z
N CYS A 29 20.49 -32.30 45.01
CA CYS A 29 20.91 -30.91 45.08
C CYS A 29 20.76 -30.36 46.49
N ALA A 30 21.90 -30.07 47.14
CA ALA A 30 21.87 -29.50 48.48
C ALA A 30 21.20 -28.14 48.48
N ALA A 31 21.51 -27.30 47.50
CA ALA A 31 20.89 -26.00 47.39
C ALA A 31 19.42 -26.16 46.96
N PRO A 32 18.55 -25.22 47.35
CA PRO A 32 17.16 -25.29 46.88
C PRO A 32 17.04 -25.22 45.38
N CYS A 33 17.97 -24.54 44.71
CA CYS A 33 17.97 -24.51 43.26
C CYS A 33 18.26 -25.89 42.69
N SER A 34 17.51 -26.27 41.65
CA SER A 34 17.67 -27.58 41.05
C SER A 34 19.00 -27.67 40.31
N CYS A 35 19.51 -28.89 40.22
CA CYS A 35 20.87 -29.10 39.70
C CYS A 35 20.88 -30.38 38.88
N ASP A 36 21.41 -30.28 37.67
CA ASP A 36 21.48 -31.45 36.80
C ASP A 36 22.49 -32.44 37.34
N GLY A 37 22.30 -33.71 36.96
CA GLY A 37 23.21 -34.76 37.42
C GLY A 37 24.62 -34.58 36.92
N ASP A 38 24.78 -34.02 35.72
CA ASP A 38 26.10 -33.85 35.12
C ASP A 38 26.74 -32.54 35.59
N ARG A 39 26.78 -32.39 36.92
CA ARG A 39 27.38 -31.25 37.62
C ARG A 39 27.13 -29.91 36.90
N ARG A 40 25.86 -29.68 36.57
CA ARG A 40 25.41 -28.42 36.00
C ARG A 40 24.21 -27.95 36.79
N VAL A 41 24.21 -26.66 37.13
CA VAL A 41 23.13 -26.08 37.98
C VAL A 41 22.36 -25.06 37.14
N ASP A 42 21.05 -24.99 37.33
CA ASP A 42 20.18 -24.04 36.65
C ASP A 42 19.24 -23.41 37.67
N CYS A 43 19.44 -22.13 37.96
CA CYS A 43 18.59 -21.38 38.86
C CYS A 43 18.01 -20.17 38.13
N SER A 44 16.71 -19.94 38.31
CA SER A 44 16.04 -18.82 37.64
C SER A 44 14.75 -18.55 38.38
N GLY A 45 14.57 -17.30 38.82
CA GLY A 45 13.40 -16.93 39.58
C GLY A 45 13.42 -17.34 41.02
N LYS A 46 14.50 -17.96 41.50
CA LYS A 46 14.59 -18.32 42.91
C LYS A 46 14.60 -17.07 43.79
N GLY A 47 15.04 -15.95 43.26
CA GLY A 47 14.96 -14.68 43.96
C GLY A 47 16.09 -14.58 44.97
N LEU A 48 17.18 -15.31 44.77
CA LEU A 48 18.33 -15.07 45.65
C LEU A 48 18.99 -13.72 45.57
N THR A 49 19.55 -13.25 46.69
CA THR A 49 20.15 -11.93 46.76
C THR A 49 21.65 -12.10 46.92
N ALA A 50 22.16 -13.31 46.76
CA ALA A 50 23.58 -13.58 46.93
C ALA A 50 23.98 -14.72 46.01
N VAL A 51 25.22 -15.18 46.17
CA VAL A 51 25.74 -16.32 45.43
C VAL A 51 25.14 -17.59 46.01
N PRO A 52 24.92 -18.64 45.22
CA PRO A 52 24.47 -19.91 45.80
C PRO A 52 25.50 -20.47 46.76
N GLU A 53 25.00 -21.11 47.82
CA GLU A 53 25.85 -21.67 48.87
C GLU A 53 25.51 -23.13 49.06
N GLY A 54 26.49 -23.88 49.58
CA GLY A 54 26.33 -25.32 49.73
C GLY A 54 26.38 -26.12 48.46
N LEU A 55 26.80 -25.47 47.36
CA LEU A 55 26.81 -26.11 46.02
C LEU A 55 28.08 -26.95 45.81
N SER A 56 28.06 -27.85 44.83
CA SER A 56 29.21 -28.70 44.49
C SER A 56 30.58 -28.08 44.39
N ALA A 57 31.63 -28.81 44.78
CA ALA A 57 32.97 -28.24 44.84
C ALA A 57 33.31 -27.95 43.39
N PHE A 58 33.02 -28.88 42.48
CA PHE A 58 33.30 -28.70 41.07
C PHE A 58 31.97 -28.62 40.31
N THR A 59 31.95 -27.76 39.28
CA THR A 59 30.75 -27.54 38.51
C THR A 59 31.14 -27.01 37.14
N GLN A 60 30.47 -27.50 36.10
CA GLN A 60 30.77 -27.06 34.75
C GLN A 60 30.08 -25.73 34.43
N ALA A 61 28.75 -25.72 34.48
CA ALA A 61 27.96 -24.56 34.10
C ALA A 61 27.13 -24.08 35.28
N LEU A 62 26.83 -22.78 35.27
CA LEU A 62 26.05 -22.18 36.35
C LEU A 62 25.26 -21.03 35.73
N ASP A 63 23.93 -21.15 35.78
CA ASP A 63 23.02 -20.19 35.17
C ASP A 63 22.12 -19.65 36.28
N ILE A 64 22.45 -18.44 36.74
CA ILE A 64 21.60 -17.72 37.74
C ILE A 64 21.10 -16.48 37.02
N SER A 65 19.81 -16.43 36.68
CA SER A 65 19.27 -15.36 35.86
C SER A 65 17.85 -15.08 36.33
N MET A 66 17.33 -13.93 35.92
CA MET A 66 16.08 -13.39 36.46
C MET A 66 16.03 -13.42 37.99
N ASN A 67 17.20 -13.26 38.62
CA ASN A 67 17.28 -13.16 40.06
C ASN A 67 17.18 -11.71 40.51
N ASN A 68 17.49 -11.45 41.78
CA ASN A 68 17.45 -10.10 42.32
C ASN A 68 18.77 -9.69 42.96
N ILE A 69 19.88 -10.30 42.57
CA ILE A 69 21.19 -9.87 43.06
C ILE A 69 21.63 -8.65 42.26
N THR A 70 22.25 -7.70 42.95
CA THR A 70 22.69 -6.46 42.31
C THR A 70 24.20 -6.30 42.29
N GLN A 71 24.88 -6.64 43.38
CA GLN A 71 26.32 -6.47 43.47
C GLN A 71 26.98 -7.83 43.74
N LEU A 72 28.17 -8.01 43.19
CA LEU A 72 28.92 -9.24 43.39
C LEU A 72 30.05 -8.99 44.38
N PRO A 73 29.97 -9.50 45.60
CA PRO A 73 31.04 -9.26 46.57
C PRO A 73 32.36 -9.96 46.31
N GLU A 74 33.26 -9.90 47.27
CA GLU A 74 34.60 -10.45 47.00
C GLU A 74 34.55 -11.95 46.82
N ASP A 75 35.43 -12.48 46.00
CA ASP A 75 35.58 -13.90 45.67
C ASP A 75 34.26 -14.66 45.83
N ALA A 76 33.19 -14.14 45.23
CA ALA A 76 31.91 -14.84 45.29
C ALA A 76 31.97 -16.16 44.54
N PHE A 77 32.63 -16.18 43.38
CA PHE A 77 32.73 -17.37 42.55
C PHE A 77 34.01 -18.18 42.72
N LYS A 78 34.77 -17.93 43.78
CA LYS A 78 35.97 -18.72 44.04
C LYS A 78 35.65 -20.16 44.47
N ASN A 79 34.43 -20.38 44.97
CA ASN A 79 34.05 -21.69 45.49
C ASN A 79 33.94 -22.68 44.33
N PHE A 80 33.90 -22.19 43.09
CA PHE A 80 33.73 -23.04 41.91
C PHE A 80 34.87 -22.78 40.93
N PRO A 81 36.05 -23.32 41.20
CA PRO A 81 37.18 -23.13 40.27
C PRO A 81 37.03 -23.87 38.95
N PHE A 82 36.12 -24.84 38.86
CA PHE A 82 35.94 -25.62 37.64
C PHE A 82 34.85 -25.04 36.73
N LEU A 83 34.29 -23.88 37.09
CA LEU A 83 33.24 -23.27 36.29
C LEU A 83 33.75 -22.92 34.91
N GLU A 84 32.87 -23.22 33.92
CA GLU A 84 33.26 -22.97 32.53
C GLU A 84 32.16 -22.33 31.68
N GLU A 85 30.97 -22.15 32.19
CA GLU A 85 29.88 -21.38 31.60
C GLU A 85 29.12 -20.68 32.71
N LEU A 86 28.89 -19.38 32.57
CA LEU A 86 28.36 -18.57 33.65
C LEU A 86 27.36 -17.58 33.07
N GLN A 87 26.12 -17.61 33.58
CA GLN A 87 25.05 -16.79 33.05
C GLN A 87 24.42 -15.95 34.15
N LEU A 88 24.46 -14.62 33.99
CA LEU A 88 23.71 -13.65 34.81
C LEU A 88 22.99 -12.74 33.83
N ALA A 89 21.82 -13.16 33.38
CA ALA A 89 21.04 -12.43 32.38
C ALA A 89 19.80 -11.85 33.03
N GLY A 90 19.58 -10.55 32.85
CA GLY A 90 18.45 -9.90 33.47
C GLY A 90 18.49 -9.85 34.98
N ASN A 91 19.64 -10.17 35.58
CA ASN A 91 19.77 -10.19 37.03
C ASN A 91 19.79 -8.80 37.65
N ASP A 92 19.87 -7.75 36.83
CA ASP A 92 19.94 -6.36 37.31
C ASP A 92 21.18 -6.14 38.17
N LEU A 93 22.34 -6.38 37.56
CA LEU A 93 23.61 -6.12 38.22
C LEU A 93 23.96 -4.64 38.13
N SER A 94 24.65 -4.16 39.17
CA SER A 94 25.13 -2.78 39.19
C SER A 94 26.57 -2.64 39.62
N PHE A 95 27.18 -3.66 40.21
CA PHE A 95 28.57 -3.57 40.64
C PHE A 95 29.19 -4.94 40.67
N ILE A 96 30.36 -5.07 40.06
CA ILE A 96 31.14 -6.31 40.07
C ILE A 96 32.48 -5.99 40.71
N HIS A 97 32.77 -6.62 41.84
CA HIS A 97 34.04 -6.39 42.50
C HIS A 97 35.18 -6.87 41.59
N PRO A 98 36.31 -6.17 41.58
CA PRO A 98 37.41 -6.58 40.70
C PRO A 98 37.91 -7.99 40.94
N LYS A 99 37.87 -8.47 42.18
CA LYS A 99 38.34 -9.81 42.51
C LYS A 99 37.24 -10.86 42.51
N ALA A 100 36.00 -10.47 42.23
CA ALA A 100 34.90 -11.43 42.26
C ALA A 100 35.08 -12.49 41.18
N LEU A 101 35.46 -12.08 39.98
CA LEU A 101 35.66 -13.00 38.87
C LEU A 101 37.06 -13.59 38.83
N SER A 102 37.92 -13.22 39.77
CA SER A 102 39.27 -13.76 39.81
C SER A 102 39.25 -15.24 40.15
N GLY A 103 40.25 -15.97 39.66
CA GLY A 103 40.34 -17.39 39.87
C GLY A 103 39.53 -18.34 39.02
N LEU A 104 38.75 -17.83 38.07
CA LEU A 104 37.94 -18.68 37.20
C LEU A 104 38.71 -18.85 35.86
N LYS A 105 39.79 -19.62 35.98
CA LYS A 105 40.71 -19.80 34.86
C LYS A 105 40.08 -20.77 33.87
N GLU A 106 39.03 -21.47 34.27
CA GLU A 106 38.35 -22.42 33.39
C GLU A 106 37.11 -21.85 32.72
N LEU A 107 36.76 -20.60 33.04
CA LEU A 107 35.55 -19.94 32.48
C LEU A 107 35.65 -19.99 30.95
N LYS A 108 34.52 -20.19 30.26
CA LYS A 108 34.50 -20.36 28.80
C LYS A 108 33.46 -19.47 28.14
N VAL A 109 32.30 -19.28 28.72
CA VAL A 109 31.28 -18.33 28.28
C VAL A 109 30.74 -17.54 29.47
N LEU A 110 30.60 -16.22 29.28
CA LEU A 110 30.09 -15.34 30.32
C LEU A 110 29.02 -14.45 29.73
N THR A 111 27.80 -14.55 30.26
CA THR A 111 26.67 -13.79 29.76
C THR A 111 26.21 -12.80 30.81
N LEU A 112 26.11 -11.53 30.44
CA LEU A 112 25.61 -10.45 31.30
C LEU A 112 24.85 -9.48 30.41
N GLN A 113 23.54 -9.67 30.29
CA GLN A 113 22.70 -8.79 29.52
C GLN A 113 21.56 -8.27 30.36
N ASN A 114 20.99 -7.14 29.97
CA ASN A 114 19.84 -6.54 30.64
C ASN A 114 20.10 -6.34 32.13
N ASN A 115 21.16 -5.60 32.41
CA ASN A 115 21.54 -5.24 33.77
C ASN A 115 21.69 -3.73 33.86
N GLN A 116 22.11 -3.25 35.04
CA GLN A 116 22.19 -1.83 35.29
C GLN A 116 23.62 -1.32 35.43
N LEU A 117 24.62 -2.15 35.12
CA LEU A 117 25.98 -1.64 35.08
C LEU A 117 26.18 -0.80 33.83
N LYS A 118 26.73 0.40 34.00
CA LYS A 118 26.78 1.39 32.94
C LYS A 118 28.14 1.48 32.27
N THR A 119 29.06 0.57 32.59
CA THR A 119 30.37 0.58 31.96
C THR A 119 30.90 -0.85 31.94
N VAL A 120 31.69 -1.16 30.92
CA VAL A 120 32.31 -2.48 30.89
C VAL A 120 33.27 -2.59 32.08
N PRO A 121 33.18 -3.62 32.90
CA PRO A 121 34.09 -3.72 34.04
C PRO A 121 35.48 -4.09 33.58
N SER A 122 36.40 -3.11 33.57
CA SER A 122 37.74 -3.37 33.04
C SER A 122 38.53 -4.27 33.97
N GLU A 123 38.43 -4.05 35.28
CA GLU A 123 39.22 -4.83 36.23
C GLU A 123 38.71 -6.26 36.34
N ALA A 124 37.39 -6.44 36.44
CA ALA A 124 36.83 -7.76 36.71
C ALA A 124 37.23 -8.76 35.63
N ILE A 125 37.01 -8.40 34.36
CA ILE A 125 37.39 -9.30 33.28
C ILE A 125 38.87 -9.61 33.24
N ARG A 126 39.71 -8.65 33.64
CA ARG A 126 41.15 -8.89 33.70
C ARG A 126 41.52 -10.01 34.66
N GLY A 127 40.64 -10.34 35.59
CA GLY A 127 40.91 -11.43 36.51
C GLY A 127 40.89 -12.77 35.81
N LEU A 128 40.36 -12.83 34.57
CA LEU A 128 40.26 -14.09 33.80
C LEU A 128 40.95 -13.90 32.45
N SER A 129 41.47 -14.98 31.85
CA SER A 129 42.11 -14.92 30.54
C SER A 129 41.75 -16.12 29.66
N ALA A 130 40.59 -16.75 29.86
CA ALA A 130 40.27 -17.96 29.13
C ALA A 130 38.88 -18.08 28.50
N LEU A 131 37.97 -17.14 28.73
CA LEU A 131 36.65 -17.29 28.15
C LEU A 131 36.73 -16.92 26.67
N GLN A 132 35.74 -17.38 25.91
CA GLN A 132 35.63 -17.07 24.49
C GLN A 132 34.41 -16.26 24.08
N SER A 133 33.32 -16.33 24.83
CA SER A 133 32.12 -15.55 24.55
C SER A 133 31.81 -14.67 25.75
N LEU A 134 31.58 -13.39 25.48
CA LEU A 134 31.27 -12.41 26.53
C LEU A 134 30.16 -11.53 25.98
N ARG A 135 29.04 -11.47 26.69
CA ARG A 135 27.89 -10.70 26.25
C ARG A 135 27.67 -9.59 27.27
N LEU A 136 27.60 -8.35 26.78
CA LEU A 136 27.34 -7.19 27.62
C LEU A 136 26.36 -6.30 26.88
N ASP A 137 25.34 -6.89 26.28
CA ASP A 137 24.41 -6.15 25.45
C ASP A 137 23.12 -5.83 26.21
N ALA A 138 22.32 -4.95 25.60
CA ALA A 138 20.98 -4.61 26.08
C ALA A 138 20.98 -3.98 27.47
N ASN A 139 22.19 -3.62 27.95
CA ASN A 139 22.44 -2.99 29.29
C ASN A 139 23.02 -1.57 29.13
N HIS A 140 22.33 -0.47 29.48
CA HIS A 140 22.78 0.88 29.18
C HIS A 140 24.24 1.06 29.58
N ILE A 141 25.07 1.39 28.59
CA ILE A 141 26.53 1.61 28.84
C ILE A 141 26.91 2.95 28.19
N THR A 142 27.67 3.78 28.90
CA THR A 142 28.00 5.12 28.46
C THR A 142 29.42 5.22 27.93
N SER A 143 30.39 4.73 28.70
CA SER A 143 31.79 4.87 28.33
C SER A 143 32.49 3.52 28.48
N VAL A 144 33.41 3.26 27.56
CA VAL A 144 34.26 2.09 27.58
C VAL A 144 35.67 2.55 27.98
N PRO A 145 36.15 2.20 29.17
CA PRO A 145 37.50 2.61 29.56
C PRO A 145 38.59 2.07 28.64
N GLU A 146 39.66 2.86 28.50
CA GLU A 146 40.74 2.50 27.59
C GLU A 146 41.47 1.16 27.56
N ASP A 147 41.94 0.70 28.72
CA ASP A 147 42.53 -0.64 28.79
C ASP A 147 41.59 -1.90 29.31
N SER A 148 40.36 -1.65 28.87
CA SER A 148 39.26 -2.53 29.23
C SER A 148 39.67 -3.52 28.14
N PHE A 149 39.13 -4.74 28.25
CA PHE A 149 39.36 -5.81 27.28
C PHE A 149 40.82 -6.14 26.98
N GLU A 150 41.66 -6.06 27.99
CA GLU A 150 43.08 -6.38 27.84
C GLU A 150 43.34 -7.66 28.59
N GLY A 151 44.16 -8.55 28.02
CA GLY A 151 44.44 -9.84 28.60
C GLY A 151 43.48 -10.92 28.17
N LEU A 152 42.40 -10.57 27.48
CA LEU A 152 41.42 -11.56 27.02
C LEU A 152 41.84 -12.09 25.66
N VAL A 153 42.88 -12.93 25.68
CA VAL A 153 43.46 -13.45 24.45
C VAL A 153 42.62 -14.53 23.79
N GLN A 154 41.57 -15.00 24.46
CA GLN A 154 40.76 -16.10 23.93
C GLN A 154 39.36 -15.67 23.53
N LEU A 155 38.99 -14.41 23.75
CA LEU A 155 37.64 -13.96 23.43
C LEU A 155 37.37 -14.07 21.94
N ARG A 156 36.17 -14.57 21.60
CA ARG A 156 35.76 -14.65 20.21
C ARG A 156 34.41 -14.03 19.84
N HIS A 157 33.55 -13.73 20.81
CA HIS A 157 32.31 -13.03 20.55
C HIS A 157 32.19 -11.86 21.53
N LEU A 158 31.58 -10.76 21.07
CA LEU A 158 31.34 -9.63 21.94
C LEU A 158 30.01 -8.99 21.54
N TRP A 159 29.12 -8.85 22.51
CA TRP A 159 27.81 -8.26 22.33
C TRP A 159 27.79 -6.91 23.05
N LEU A 160 27.89 -5.83 22.29
CA LEU A 160 27.68 -4.49 22.80
C LEU A 160 26.42 -3.84 22.24
N ASP A 161 25.51 -4.69 21.80
CA ASP A 161 24.30 -4.17 21.14
C ASP A 161 23.49 -3.37 22.16
N ASP A 162 22.55 -2.58 21.68
CA ASP A 162 21.60 -1.74 22.45
C ASP A 162 22.20 -1.30 23.75
N ASN A 163 23.21 -0.49 23.61
CA ASN A 163 23.78 0.28 24.71
C ASN A 163 23.71 1.74 24.27
N SER A 164 24.33 2.62 25.05
CA SER A 164 24.27 4.05 24.77
C SER A 164 25.60 4.71 24.38
N LEU A 165 26.61 3.93 24.03
CA LEU A 165 27.88 4.53 23.65
C LEU A 165 27.74 5.25 22.31
N THR A 166 28.51 6.32 22.15
CA THR A 166 28.41 7.17 20.98
C THR A 166 29.68 7.21 20.14
N GLU A 167 30.69 6.41 20.49
CA GLU A 167 31.94 6.39 19.74
C GLU A 167 32.59 5.04 19.94
N VAL A 168 33.05 4.43 18.84
CA VAL A 168 33.63 3.09 18.95
C VAL A 168 34.92 3.16 19.76
N PRO A 169 35.16 2.26 20.71
CA PRO A 169 36.40 2.31 21.51
C PRO A 169 37.56 1.72 20.75
N VAL A 170 38.41 2.58 20.20
CA VAL A 170 39.45 2.14 19.28
C VAL A 170 40.52 1.33 20.00
N HIS A 171 41.10 1.91 21.05
CA HIS A 171 42.12 1.18 21.80
C HIS A 171 41.60 -0.08 22.48
N PRO A 172 40.49 -0.07 23.21
CA PRO A 172 39.99 -1.33 23.79
C PRO A 172 39.66 -2.38 22.75
N LEU A 173 39.13 -2.00 21.59
CA LEU A 173 38.90 -2.98 20.53
C LEU A 173 40.24 -3.53 20.05
N SER A 174 41.23 -2.66 19.86
CA SER A 174 42.53 -3.10 19.39
C SER A 174 43.28 -3.92 20.42
N ASN A 175 42.82 -3.94 21.67
CA ASN A 175 43.50 -4.74 22.69
C ASN A 175 43.57 -6.23 22.41
N LEU A 176 42.48 -6.82 21.95
CA LEU A 176 42.41 -8.25 21.70
C LEU A 176 42.30 -8.49 20.20
N PRO A 177 43.13 -9.37 19.61
CA PRO A 177 43.11 -9.55 18.16
C PRO A 177 42.34 -10.78 17.68
N THR A 178 41.83 -11.59 18.61
CA THR A 178 41.27 -12.89 18.29
C THR A 178 39.74 -12.91 18.21
N LEU A 179 39.10 -11.75 18.24
CA LEU A 179 37.65 -11.69 18.18
C LEU A 179 37.22 -12.10 16.77
N GLN A 180 36.02 -12.68 16.68
CA GLN A 180 35.43 -13.07 15.38
C GLN A 180 34.16 -12.25 15.16
N ALA A 181 33.19 -12.25 16.02
CA ALA A 181 31.90 -11.60 15.81
C ALA A 181 31.75 -10.46 16.80
N LEU A 182 31.39 -9.29 16.28
CA LEU A 182 31.25 -8.08 17.09
C LEU A 182 29.96 -7.36 16.70
N THR A 183 29.15 -7.04 17.69
CA THR A 183 27.92 -6.28 17.44
C THR A 183 27.98 -4.97 18.20
N LEU A 184 27.85 -3.86 17.47
CA LEU A 184 27.62 -2.53 18.05
C LEU A 184 26.41 -1.97 17.30
N ALA A 185 25.22 -2.34 17.75
CA ALA A 185 23.98 -1.94 17.10
C ALA A 185 23.07 -1.30 18.13
N LEU A 186 22.08 -0.57 17.63
CA LEU A 186 21.12 0.16 18.47
C LEU A 186 21.80 1.18 19.36
N ASN A 187 23.05 1.54 19.07
CA ASN A 187 23.79 2.52 19.85
C ASN A 187 23.58 3.91 19.27
N LYS A 188 24.39 4.87 19.73
CA LYS A 188 24.32 6.25 19.26
C LYS A 188 25.62 6.66 18.58
N ILE A 189 26.27 5.73 17.89
CA ILE A 189 27.48 6.06 17.15
C ILE A 189 27.12 6.92 15.95
N SER A 190 27.89 7.98 15.73
CA SER A 190 27.63 8.91 14.64
C SER A 190 28.72 8.93 13.57
N SER A 191 29.94 8.58 13.93
CA SER A 191 31.04 8.60 12.97
C SER A 191 32.01 7.60 13.58
N ILE A 192 32.70 6.87 12.71
CA ILE A 192 33.77 5.96 13.11
C ILE A 192 35.07 6.53 12.58
N PRO A 193 36.07 6.77 13.41
CA PRO A 193 37.32 7.33 12.91
C PRO A 193 38.13 6.34 12.09
N ASP A 194 39.13 6.88 11.38
CA ASP A 194 39.99 6.05 10.56
C ASP A 194 40.77 5.06 11.42
N PHE A 195 41.02 3.87 10.85
CA PHE A 195 41.75 2.81 11.54
C PHE A 195 41.09 2.43 12.86
N ALA A 196 39.76 2.40 12.87
CA ALA A 196 39.04 2.03 14.08
C ALA A 196 39.14 0.54 14.36
N PHE A 197 39.10 -0.29 13.33
CA PHE A 197 39.15 -1.73 13.46
C PHE A 197 40.40 -2.30 12.80
N THR A 198 41.54 -1.63 12.99
CA THR A 198 42.74 -2.00 12.26
C THR A 198 43.39 -3.28 12.79
N ASN A 199 43.21 -3.60 14.07
CA ASN A 199 43.89 -4.73 14.68
C ASN A 199 42.99 -5.97 14.80
N LEU A 200 41.77 -5.91 14.30
CA LEU A 200 40.83 -7.03 14.40
C LEU A 200 40.89 -7.87 13.12
N SER A 201 41.97 -8.63 13.00
CA SER A 201 42.22 -9.37 11.78
C SER A 201 41.31 -10.58 11.64
N SER A 202 40.87 -11.16 12.75
CA SER A 202 40.10 -12.39 12.73
C SER A 202 38.59 -12.14 12.68
N LEU A 203 38.16 -10.89 12.68
CA LEU A 203 36.73 -10.59 12.67
C LEU A 203 36.01 -11.18 11.48
N VAL A 204 34.97 -11.97 11.74
CA VAL A 204 34.07 -12.50 10.74
C VAL A 204 32.68 -11.81 10.50
N VAL A 205 32.08 -11.35 11.60
CA VAL A 205 30.86 -10.56 11.55
C VAL A 205 30.95 -9.24 12.28
N LEU A 206 30.48 -8.17 11.63
CA LEU A 206 30.43 -6.84 12.23
C LEU A 206 29.02 -6.28 12.04
N HIS A 207 28.38 -5.90 13.14
CA HIS A 207 27.00 -5.42 13.09
C HIS A 207 26.94 -3.96 13.53
N LEU A 208 26.69 -3.06 12.57
CA LEU A 208 26.44 -1.64 12.84
C LEU A 208 25.11 -1.16 12.24
N HIS A 209 24.01 -1.50 12.90
CA HIS A 209 22.70 -1.09 12.42
C HIS A 209 21.87 -0.40 13.50
N ASN A 210 20.88 0.37 13.04
CA ASN A 210 20.05 1.22 13.90
C ASN A 210 20.92 2.20 14.69
N ASN A 211 22.01 2.64 14.10
CA ASN A 211 22.88 3.66 14.68
C ASN A 211 22.52 5.01 14.09
N LYS A 212 23.35 6.01 14.37
CA LYS A 212 23.19 7.35 13.83
C LYS A 212 24.39 7.75 12.98
N ILE A 213 24.97 6.79 12.25
CA ILE A 213 26.13 7.08 11.43
C ILE A 213 25.72 7.89 10.22
N ARG A 214 26.40 9.00 9.98
CA ARG A 214 26.11 9.85 8.83
C ARG A 214 27.40 10.14 8.07
N SER A 215 28.53 10.09 8.76
CA SER A 215 29.84 10.30 8.14
C SER A 215 30.67 9.05 8.34
N LEU A 216 31.22 8.53 7.25
CA LEU A 216 32.00 7.30 7.26
C LEU A 216 33.35 7.59 6.64
N SER A 217 34.40 7.53 7.46
CA SER A 217 35.75 7.80 6.98
C SER A 217 36.19 6.75 5.98
N GLN A 218 37.07 7.14 5.08
CA GLN A 218 37.50 6.28 3.98
C GLN A 218 38.70 5.42 4.32
N HIS A 219 39.17 5.46 5.57
CA HIS A 219 40.27 4.62 6.01
C HIS A 219 39.96 3.99 7.37
N CYS A 220 38.72 3.58 7.58
CA CYS A 220 38.29 2.99 8.83
C CYS A 220 38.14 1.48 8.77
N PHE A 221 37.62 0.96 7.67
CA PHE A 221 37.33 -0.47 7.56
C PHE A 221 38.53 -1.29 7.12
N ASP A 222 39.67 -0.67 6.88
CA ASP A 222 40.85 -1.42 6.46
C ASP A 222 41.36 -2.29 7.60
N GLY A 223 41.90 -3.45 7.24
CA GLY A 223 42.38 -4.42 8.21
C GLY A 223 41.42 -5.55 8.48
N LEU A 224 40.16 -5.43 8.10
CA LEU A 224 39.18 -6.51 8.27
C LEU A 224 39.20 -7.41 7.04
N ASP A 225 40.31 -8.13 6.90
CA ASP A 225 40.50 -8.98 5.74
C ASP A 225 39.49 -10.12 5.71
N ASN A 226 39.21 -10.71 6.87
CA ASN A 226 38.36 -11.88 6.94
C ASN A 226 36.89 -11.56 7.18
N LEU A 227 36.53 -10.27 7.27
CA LEU A 227 35.12 -9.86 7.51
C LEU A 227 34.28 -10.34 6.32
N GLU A 228 33.13 -10.98 6.57
CA GLU A 228 32.27 -11.54 5.54
C GLU A 228 30.91 -10.89 5.43
N THR A 229 30.32 -10.44 6.54
CA THR A 229 29.03 -9.79 6.51
C THR A 229 29.10 -8.43 7.19
N LEU A 230 28.58 -7.41 6.53
CA LEU A 230 28.55 -6.05 7.06
C LEU A 230 27.12 -5.53 7.00
N ASP A 231 26.66 -4.98 8.12
CA ASP A 231 25.29 -4.49 8.25
C ASP A 231 25.33 -3.00 8.58
N LEU A 232 24.89 -2.13 7.67
CA LEU A 232 24.77 -0.67 7.87
C LEU A 232 23.34 -0.16 7.70
N ASN A 233 22.39 -0.60 8.50
CA ASN A 233 20.96 -0.40 8.30
C ASN A 233 20.34 0.61 9.26
N TYR A 234 19.35 1.34 8.75
CA TYR A 234 18.64 2.35 9.52
C TYR A 234 19.58 3.42 10.05
N ASN A 235 20.67 3.67 9.35
CA ASN A 235 21.59 4.74 9.71
C ASN A 235 21.21 6.01 8.97
N ASN A 236 22.07 7.02 9.01
CA ASN A 236 21.79 8.32 8.41
C ASN A 236 22.87 8.57 7.36
N LEU A 237 23.34 7.53 6.69
CA LEU A 237 24.33 7.77 5.63
C LEU A 237 23.85 8.49 4.38
N GLY A 238 24.47 9.63 4.06
CA GLY A 238 23.96 10.48 3.01
C GLY A 238 24.70 10.23 1.71
N GLU A 239 25.87 9.61 1.80
CA GLU A 239 26.68 9.30 0.63
C GLU A 239 27.16 7.87 0.75
N PHE A 240 27.42 7.25 -0.39
CA PHE A 240 27.86 5.85 -0.38
C PHE A 240 29.24 5.75 0.22
N PRO A 241 29.47 4.79 1.13
CA PRO A 241 30.80 4.66 1.73
C PRO A 241 31.87 4.29 0.72
N GLN A 242 33.07 4.85 0.92
CA GLN A 242 34.21 4.54 0.08
C GLN A 242 35.23 3.66 0.81
N ALA A 243 34.87 3.13 1.98
CA ALA A 243 35.79 2.33 2.76
C ALA A 243 35.60 0.83 2.56
N ILE A 244 34.43 0.39 2.10
CA ILE A 244 34.16 -1.04 1.99
C ILE A 244 35.14 -1.72 1.04
N LYS A 245 35.65 -0.97 0.06
CA LYS A 245 36.60 -1.55 -0.89
C LYS A 245 37.90 -1.99 -0.22
N ALA A 246 38.14 -1.55 1.01
CA ALA A 246 39.32 -2.02 1.74
C ALA A 246 39.25 -3.44 2.27
N LEU A 247 38.02 -3.98 2.45
CA LEU A 247 37.80 -5.35 2.98
C LEU A 247 37.39 -6.24 1.79
N PRO A 248 38.19 -7.25 1.35
CA PRO A 248 37.86 -7.98 0.11
C PRO A 248 36.88 -9.13 0.26
N SER A 249 36.89 -9.81 1.39
CA SER A 249 36.16 -11.06 1.54
C SER A 249 34.69 -10.88 1.90
N LEU A 250 34.13 -9.70 1.67
CA LEU A 250 32.73 -9.46 2.03
C LEU A 250 31.79 -10.34 1.22
N LYS A 251 30.82 -10.94 1.90
CA LYS A 251 29.78 -11.73 1.27
C LYS A 251 28.39 -11.09 1.29
N GLU A 252 27.95 -10.63 2.45
CA GLU A 252 26.68 -9.94 2.59
C GLU A 252 26.89 -8.49 3.00
N LEU A 253 26.16 -7.58 2.35
CA LEU A 253 26.27 -6.16 2.64
C LEU A 253 24.87 -5.57 2.72
N GLY A 254 24.54 -5.00 3.87
CA GLY A 254 23.24 -4.38 4.02
C GLY A 254 23.32 -2.91 4.36
N PHE A 255 22.91 -2.05 3.42
CA PHE A 255 22.83 -0.58 3.65
C PHE A 255 21.43 -0.20 3.18
N HIS A 256 20.40 -0.41 3.99
CA HIS A 256 19.03 -0.11 3.62
C HIS A 256 18.38 0.75 4.68
N SER A 257 17.33 1.48 4.26
CA SER A 257 16.68 2.48 5.10
C SER A 257 17.65 3.60 5.49
N ASN A 258 18.58 3.93 4.60
CA ASN A 258 19.45 5.08 4.76
C ASN A 258 19.21 6.06 3.61
N SER A 259 19.50 7.33 3.87
CA SER A 259 19.28 8.38 2.87
C SER A 259 20.46 8.43 1.93
N ILE A 260 20.56 7.41 1.08
CA ILE A 260 21.60 7.33 0.06
C ILE A 260 21.02 7.90 -1.23
N SER A 261 21.67 8.94 -1.76
CA SER A 261 21.17 9.60 -2.96
C SER A 261 21.58 8.85 -4.22
N VAL A 262 22.89 8.75 -4.46
CA VAL A 262 23.40 8.14 -5.68
C VAL A 262 24.35 7.00 -5.31
N ILE A 263 24.51 6.07 -6.25
CA ILE A 263 25.45 4.97 -6.09
C ILE A 263 26.51 5.09 -7.18
N PRO A 264 27.74 5.45 -6.84
CA PRO A 264 28.76 5.67 -7.87
C PRO A 264 29.32 4.49 -8.67
N ASP A 265 29.92 4.78 -9.82
CA ASP A 265 30.57 3.70 -10.62
C ASP A 265 31.68 3.09 -9.77
N GLY A 266 31.99 1.80 -9.96
CA GLY A 266 32.95 1.10 -9.14
C GLY A 266 32.76 1.05 -7.65
N ALA A 267 31.50 1.08 -7.19
CA ALA A 267 31.24 1.06 -5.76
C ALA A 267 31.69 -0.25 -5.13
N PHE A 268 31.43 -1.36 -5.80
CA PHE A 268 31.72 -2.69 -5.26
C PHE A 268 32.95 -3.32 -5.92
N ASP A 269 33.92 -2.51 -6.32
CA ASP A 269 35.11 -3.03 -6.96
C ASP A 269 35.97 -3.85 -6.01
N GLY A 270 35.92 -3.58 -4.71
CA GLY A 270 36.73 -4.29 -3.75
C GLY A 270 36.09 -5.51 -3.13
N ASN A 271 34.90 -5.91 -3.58
CA ASN A 271 34.17 -7.03 -3.01
C ASN A 271 33.75 -7.99 -4.12
N PRO A 272 34.69 -8.80 -4.63
CA PRO A 272 34.33 -9.73 -5.71
C PRO A 272 33.44 -10.86 -5.25
N LEU A 273 33.69 -11.41 -4.06
CA LEU A 273 32.91 -12.53 -3.55
C LEU A 273 31.52 -12.08 -3.13
N LEU A 274 31.23 -10.78 -3.22
CA LEU A 274 29.94 -10.25 -2.77
C LEU A 274 28.73 -11.00 -3.34
N ARG A 275 27.84 -11.48 -2.46
CA ARG A 275 26.69 -12.33 -2.87
C ARG A 275 25.31 -11.73 -2.57
N THR A 276 25.14 -10.94 -1.50
CA THR A 276 23.88 -10.27 -1.22
C THR A 276 24.03 -8.79 -0.91
N ILE A 277 23.18 -7.96 -1.53
CA ILE A 277 23.15 -6.53 -1.30
C ILE A 277 21.74 -6.14 -0.89
N HIS A 278 21.63 -5.39 0.20
CA HIS A 278 20.34 -4.87 0.67
C HIS A 278 20.39 -3.35 0.56
N LEU A 279 19.73 -2.79 -0.45
CA LEU A 279 19.74 -1.35 -0.67
C LEU A 279 18.33 -0.77 -0.82
N TYR A 280 17.30 -1.52 -0.46
CA TYR A 280 15.96 -0.99 -0.58
C TYR A 280 15.72 0.08 0.47
N ASP A 281 14.61 0.82 0.30
CA ASP A 281 14.16 1.90 1.17
C ASP A 281 15.07 3.12 1.12
N ASN A 282 16.16 3.08 0.37
CA ASN A 282 16.94 4.30 0.16
C ASN A 282 16.30 5.12 -0.94
N PRO A 283 16.13 6.43 -0.76
CA PRO A 283 15.63 7.24 -1.87
C PRO A 283 16.74 7.48 -2.87
N LEU A 284 16.72 6.75 -3.97
CA LEU A 284 17.79 6.77 -4.96
C LEU A 284 17.43 7.66 -6.13
N SER A 285 18.45 8.26 -6.73
CA SER A 285 18.28 9.02 -7.96
C SER A 285 19.08 8.43 -9.11
N PHE A 286 20.38 8.21 -8.92
CA PHE A 286 21.26 7.81 -10.02
C PHE A 286 22.12 6.64 -9.57
N VAL A 287 22.22 5.63 -10.43
CA VAL A 287 23.07 4.48 -10.21
C VAL A 287 23.96 4.31 -11.43
N GLY A 288 25.26 4.23 -11.21
CA GLY A 288 26.18 4.10 -12.32
C GLY A 288 26.04 2.78 -13.04
N ASN A 289 26.43 2.77 -14.31
CA ASN A 289 26.38 1.52 -15.08
C ASN A 289 27.33 0.49 -14.49
N SER A 290 28.55 0.90 -14.15
CA SER A 290 29.54 -0.01 -13.61
C SER A 290 29.33 -0.32 -12.13
N ALA A 291 28.17 0.04 -11.57
CA ALA A 291 27.93 -0.20 -10.15
C ALA A 291 27.90 -1.68 -9.82
N PHE A 292 27.20 -2.49 -10.63
CA PHE A 292 26.90 -3.87 -10.29
C PHE A 292 27.55 -4.87 -11.22
N HIS A 293 28.50 -4.45 -12.05
CA HIS A 293 29.14 -5.40 -12.95
C HIS A 293 30.24 -6.16 -12.21
N ASN A 294 30.57 -7.33 -12.74
CA ASN A 294 31.61 -8.21 -12.21
C ASN A 294 31.32 -8.72 -10.80
N LEU A 295 30.04 -8.85 -10.43
CA LEU A 295 29.65 -9.50 -9.19
C LEU A 295 29.14 -10.89 -9.55
N SER A 296 30.07 -11.84 -9.62
CA SER A 296 29.73 -13.17 -10.12
C SER A 296 28.78 -13.91 -9.19
N ASP A 297 28.82 -13.63 -7.89
CA ASP A 297 28.04 -14.38 -6.92
C ASP A 297 26.69 -13.75 -6.61
N LEU A 298 26.38 -12.60 -7.18
CA LEU A 298 25.13 -11.92 -6.84
C LEU A 298 23.94 -12.73 -7.33
N HIS A 299 22.90 -12.80 -6.49
CA HIS A 299 21.72 -13.60 -6.77
C HIS A 299 20.48 -12.80 -7.10
N SER A 300 20.23 -11.70 -6.38
CA SER A 300 19.05 -10.88 -6.59
C SER A 300 19.45 -9.42 -6.65
N LEU A 301 18.86 -8.69 -7.60
CA LEU A 301 19.11 -7.26 -7.76
C LEU A 301 17.77 -6.55 -7.84
N VAL A 302 17.57 -5.57 -6.98
CA VAL A 302 16.32 -4.82 -6.91
C VAL A 302 16.64 -3.34 -6.83
N ILE A 303 16.13 -2.56 -7.78
CA ILE A 303 16.27 -1.12 -7.81
C ILE A 303 14.88 -0.55 -8.02
N ARG A 304 14.49 0.39 -7.15
CA ARG A 304 13.17 1.00 -7.21
C ARG A 304 13.36 2.51 -7.20
N GLY A 305 12.72 3.18 -8.16
CA GLY A 305 12.68 4.63 -8.17
C GLY A 305 14.00 5.34 -8.44
N ALA A 306 14.89 4.73 -9.23
CA ALA A 306 16.11 5.39 -9.66
C ALA A 306 15.76 6.25 -10.87
N SER A 307 15.16 7.41 -10.59
CA SER A 307 14.55 8.22 -11.65
C SER A 307 15.59 8.74 -12.63
N MET A 308 16.76 9.14 -12.13
CA MET A 308 17.72 9.83 -12.98
C MET A 308 18.53 8.89 -13.88
N VAL A 309 18.33 7.58 -13.79
CA VAL A 309 18.99 6.64 -14.69
C VAL A 309 18.08 6.41 -15.89
N GLN A 310 18.70 6.26 -17.08
CA GLN A 310 17.93 6.14 -18.30
C GLN A 310 18.45 5.07 -19.24
N GLN A 311 19.44 4.27 -18.84
CA GLN A 311 19.94 3.19 -19.66
C GLN A 311 20.12 1.95 -18.80
N PHE A 312 20.06 0.79 -19.44
CA PHE A 312 20.12 -0.47 -18.71
C PHE A 312 21.49 -0.62 -18.06
N PRO A 313 21.55 -1.04 -16.80
CA PRO A 313 22.85 -1.19 -16.13
C PRO A 313 23.69 -2.26 -16.82
N ASN A 314 25.00 -2.01 -16.84
CA ASN A 314 25.97 -2.96 -17.41
C ASN A 314 26.13 -4.10 -16.42
N LEU A 315 25.53 -5.25 -16.73
CA LEU A 315 25.56 -6.41 -15.85
C LEU A 315 26.53 -7.48 -16.31
N THR A 316 27.52 -7.11 -17.13
CA THR A 316 28.51 -8.09 -17.56
C THR A 316 29.25 -8.65 -16.37
N GLY A 317 29.35 -9.98 -16.32
CA GLY A 317 29.98 -10.66 -15.21
C GLY A 317 29.05 -11.13 -14.12
N THR A 318 27.84 -10.58 -14.04
CA THR A 318 26.83 -11.02 -13.08
C THR A 318 25.97 -12.07 -13.76
N VAL A 319 26.37 -13.33 -13.62
CA VAL A 319 25.72 -14.43 -14.33
C VAL A 319 24.86 -15.30 -13.44
N HIS A 320 24.89 -15.09 -12.12
CA HIS A 320 24.11 -15.90 -11.19
C HIS A 320 22.81 -15.24 -10.77
N LEU A 321 22.42 -14.16 -11.42
CA LEU A 321 21.20 -13.47 -11.04
C LEU A 321 19.99 -14.35 -11.29
N GLU A 322 19.11 -14.45 -10.30
CA GLU A 322 17.84 -15.15 -10.46
C GLU A 322 16.64 -14.26 -10.19
N SER A 323 16.85 -12.97 -9.94
CA SER A 323 15.76 -12.02 -9.78
C SER A 323 16.29 -10.64 -10.10
N LEU A 324 15.62 -9.94 -11.01
CA LEU A 324 16.07 -8.63 -11.47
C LEU A 324 14.86 -7.70 -11.53
N THR A 325 14.89 -6.65 -10.73
CA THR A 325 13.80 -5.68 -10.66
C THR A 325 14.35 -4.29 -10.89
N LEU A 326 13.78 -3.56 -11.84
CA LEU A 326 14.17 -2.17 -12.13
C LEU A 326 12.88 -1.37 -12.32
N THR A 327 12.38 -0.79 -11.23
CA THR A 327 11.07 -0.14 -11.23
C THR A 327 11.24 1.36 -11.01
N GLY A 328 10.51 2.15 -11.81
CA GLY A 328 10.47 3.59 -11.63
C GLY A 328 11.53 4.37 -12.36
N THR A 329 12.42 3.70 -13.08
CA THR A 329 13.51 4.41 -13.76
C THR A 329 13.03 5.06 -15.05
N LYS A 330 13.98 5.49 -15.88
CA LYS A 330 13.66 6.15 -17.14
C LYS A 330 14.22 5.32 -18.29
N ILE A 331 14.43 4.02 -18.08
CA ILE A 331 15.00 3.21 -19.15
C ILE A 331 14.07 3.02 -20.33
N SER A 332 14.62 2.94 -21.53
CA SER A 332 13.83 2.91 -22.75
C SER A 332 14.11 1.67 -23.58
N SER A 333 15.13 0.88 -23.23
CA SER A 333 15.47 -0.29 -24.03
C SER A 333 15.99 -1.39 -23.10
N ILE A 334 15.89 -2.61 -23.57
CA ILE A 334 16.39 -3.79 -22.88
C ILE A 334 17.45 -4.43 -23.76
N PRO A 335 18.63 -4.77 -23.25
CA PRO A 335 19.64 -5.41 -24.10
C PRO A 335 19.13 -6.72 -24.67
N ASN A 336 19.46 -6.98 -25.93
CA ASN A 336 19.03 -8.21 -26.57
C ASN A 336 19.72 -9.44 -25.99
N ASN A 337 20.85 -9.26 -25.32
CA ASN A 337 21.59 -10.37 -24.74
C ASN A 337 21.27 -10.61 -23.27
N LEU A 338 20.31 -9.87 -22.71
CA LEU A 338 20.01 -9.97 -21.29
C LEU A 338 19.64 -11.40 -20.90
N CYS A 339 18.56 -11.91 -21.46
CA CYS A 339 18.04 -13.19 -20.98
C CYS A 339 18.85 -14.36 -21.51
N GLN A 340 19.61 -14.16 -22.59
CA GLN A 340 20.51 -15.19 -23.07
C GLN A 340 21.84 -15.20 -22.33
N GLU A 341 22.15 -14.16 -21.57
CA GLU A 341 23.35 -14.13 -20.73
C GLU A 341 23.06 -14.51 -19.30
N GLN A 342 21.96 -14.05 -18.71
CA GLN A 342 21.55 -14.44 -17.37
C GLN A 342 20.76 -15.74 -17.47
N LYS A 343 21.49 -16.85 -17.59
CA LYS A 343 20.85 -18.14 -17.81
C LYS A 343 20.00 -18.56 -16.63
N MET A 344 20.36 -18.15 -15.41
CA MET A 344 19.65 -18.55 -14.21
C MET A 344 18.48 -17.65 -13.83
N LEU A 345 18.16 -16.65 -14.65
CA LEU A 345 17.12 -15.70 -14.31
C LEU A 345 15.76 -16.38 -14.25
N ARG A 346 14.99 -16.07 -13.20
CA ARG A 346 13.65 -16.62 -13.05
C ARG A 346 12.58 -15.57 -12.81
N THR A 347 12.94 -14.33 -12.47
CA THR A 347 11.98 -13.26 -12.29
C THR A 347 12.53 -12.02 -12.96
N LEU A 348 11.68 -11.31 -13.71
CA LEU A 348 12.08 -10.09 -14.41
C LEU A 348 10.97 -9.07 -14.23
N ASP A 349 11.26 -8.00 -13.48
CA ASP A 349 10.29 -6.94 -13.23
C ASP A 349 10.86 -5.64 -13.80
N LEU A 350 10.26 -5.17 -14.90
CA LEU A 350 10.61 -3.87 -15.49
C LEU A 350 9.30 -3.12 -15.69
N SER A 351 8.84 -2.45 -14.64
CA SER A 351 7.57 -1.74 -14.67
C SER A 351 7.79 -0.28 -14.32
N TYR A 352 6.88 0.56 -14.81
CA TYR A 352 6.84 2.01 -14.62
C TYR A 352 7.95 2.70 -15.38
N ASN A 353 8.75 1.97 -16.16
CA ASN A 353 9.72 2.59 -17.06
C ASN A 353 9.00 3.10 -18.29
N ASN A 354 9.75 3.47 -19.33
CA ASN A 354 9.17 3.85 -20.61
C ASN A 354 9.92 3.07 -21.68
N ILE A 355 9.49 1.83 -21.93
CA ILE A 355 10.12 0.95 -22.90
C ILE A 355 9.21 0.85 -24.12
N ARG A 356 9.80 1.02 -25.30
CA ARG A 356 9.03 1.00 -26.54
C ARG A 356 8.83 -0.42 -27.06
N ASP A 357 9.93 -1.12 -27.34
CA ASP A 357 9.87 -2.46 -27.90
C ASP A 357 10.65 -3.43 -27.02
N LEU A 358 10.17 -4.66 -26.97
CA LEU A 358 10.75 -5.72 -26.17
C LEU A 358 11.75 -6.53 -27.00
N PRO A 359 12.78 -7.07 -26.38
CA PRO A 359 13.73 -7.92 -27.10
C PRO A 359 13.17 -9.32 -27.28
N SER A 360 13.97 -10.18 -27.89
CA SER A 360 13.61 -11.59 -28.03
C SER A 360 13.96 -12.31 -26.74
N PHE A 361 12.97 -12.92 -26.11
CA PHE A 361 13.13 -13.58 -24.83
C PHE A 361 13.57 -15.03 -24.95
N ASN A 362 13.85 -15.50 -26.16
CA ASN A 362 14.35 -16.86 -26.33
C ASN A 362 15.78 -16.96 -25.81
N GLY A 363 16.18 -18.19 -25.50
CA GLY A 363 17.51 -18.44 -24.97
C GLY A 363 17.56 -18.67 -23.47
N CYS A 364 16.47 -18.40 -22.77
CA CYS A 364 16.37 -18.64 -21.33
C CYS A 364 15.14 -19.49 -21.04
N HIS A 365 15.30 -20.46 -20.16
CA HIS A 365 14.24 -21.41 -19.87
C HIS A 365 13.77 -21.41 -18.42
N ALA A 366 14.45 -20.69 -17.54
CA ALA A 366 14.07 -20.63 -16.14
C ALA A 366 13.18 -19.44 -15.81
N LEU A 367 12.86 -18.61 -16.79
CA LEU A 367 12.11 -17.39 -16.55
C LEU A 367 10.65 -17.74 -16.27
N GLU A 368 10.23 -17.56 -15.01
CA GLU A 368 8.89 -17.93 -14.59
C GLU A 368 7.92 -16.75 -14.54
N GLU A 369 8.34 -15.61 -14.02
CA GLU A 369 7.50 -14.42 -13.93
C GLU A 369 8.08 -13.31 -14.77
N ILE A 370 7.22 -12.60 -15.49
CA ILE A 370 7.62 -11.44 -16.29
C ILE A 370 6.60 -10.34 -16.05
N SER A 371 7.08 -9.15 -15.73
CA SER A 371 6.21 -8.00 -15.48
C SER A 371 6.72 -6.82 -16.29
N LEU A 372 5.95 -6.43 -17.31
CA LEU A 372 6.23 -5.23 -18.12
C LEU A 372 4.94 -4.44 -18.14
N GLN A 373 4.73 -3.63 -17.10
CA GLN A 373 3.48 -2.92 -16.93
C GLN A 373 3.76 -1.44 -16.72
N ARG A 374 2.83 -0.60 -17.18
CA ARG A 374 2.98 0.85 -17.14
C ARG A 374 4.19 1.30 -17.95
N ASN A 375 4.32 0.75 -19.15
CA ASN A 375 5.36 1.12 -20.09
C ASN A 375 4.71 1.70 -21.34
N GLN A 376 5.50 1.92 -22.38
CA GLN A 376 5.02 2.45 -23.65
C GLN A 376 5.21 1.43 -24.76
N ILE A 377 4.92 0.17 -24.49
CA ILE A 377 4.97 -0.86 -25.51
C ILE A 377 3.71 -0.78 -26.36
N TYR A 378 3.86 -0.86 -27.68
CA TYR A 378 2.74 -0.68 -28.58
C TYR A 378 2.40 -1.91 -29.42
N GLN A 379 3.23 -2.95 -29.40
CA GLN A 379 2.93 -4.15 -30.17
C GLN A 379 3.65 -5.33 -29.53
N ILE A 380 3.10 -6.54 -29.75
CA ILE A 380 3.74 -7.81 -29.28
C ILE A 380 3.98 -8.64 -30.54
N LYS A 381 5.22 -8.80 -30.99
CA LYS A 381 5.52 -9.58 -32.18
C LYS A 381 5.42 -11.05 -31.87
N GLU A 382 5.40 -11.88 -32.92
CA GLU A 382 5.28 -13.31 -32.73
C GLU A 382 6.36 -14.01 -31.92
N GLY A 383 7.62 -13.65 -32.14
CA GLY A 383 8.74 -14.26 -31.48
C GLY A 383 9.16 -13.63 -30.17
N THR A 384 8.37 -12.69 -29.64
CA THR A 384 8.76 -12.01 -28.40
C THR A 384 8.83 -12.99 -27.23
N PHE A 385 7.77 -13.76 -27.03
CA PHE A 385 7.68 -14.67 -25.90
C PHE A 385 7.93 -16.12 -26.28
N GLN A 386 8.29 -16.39 -27.53
CA GLN A 386 8.55 -17.76 -27.95
C GLN A 386 9.83 -18.27 -27.30
N GLY A 387 9.77 -19.51 -26.79
CA GLY A 387 10.90 -20.13 -26.13
C GLY A 387 10.93 -20.18 -24.62
N LEU A 388 10.04 -19.45 -23.94
CA LEU A 388 9.98 -19.46 -22.48
C LEU A 388 9.20 -20.71 -22.10
N ILE A 389 9.95 -21.75 -21.70
CA ILE A 389 9.32 -23.03 -21.37
C ILE A 389 8.61 -22.94 -20.02
N SER A 390 9.18 -22.21 -19.07
CA SER A 390 8.71 -22.24 -17.69
C SER A 390 7.84 -21.04 -17.34
N LEU A 391 7.43 -20.25 -18.31
CA LEU A 391 6.65 -19.04 -18.02
C LEU A 391 5.30 -19.40 -17.43
N ARG A 392 4.95 -18.75 -16.31
CA ARG A 392 3.65 -18.93 -15.68
C ARG A 392 2.85 -17.65 -15.52
N ILE A 393 3.50 -16.51 -15.30
CA ILE A 393 2.82 -15.24 -15.09
C ILE A 393 3.33 -14.23 -16.10
N LEU A 394 2.40 -13.52 -16.73
CA LEU A 394 2.72 -12.46 -17.68
C LEU A 394 1.90 -11.24 -17.33
N ASP A 395 2.53 -10.07 -17.36
CA ASP A 395 1.86 -8.82 -17.01
C ASP A 395 2.18 -7.78 -18.08
N LEU A 396 1.25 -7.48 -18.99
CA LEU A 396 1.43 -6.42 -20.02
C LEU A 396 0.25 -5.46 -19.89
N SER A 397 0.16 -4.65 -18.82
CA SER A 397 -0.96 -3.77 -18.52
C SER A 397 -0.55 -2.32 -18.50
N ARG A 398 -1.54 -1.45 -18.71
CA ARG A 398 -1.32 0.00 -18.77
C ARG A 398 -0.26 0.37 -19.81
N ASN A 399 -0.36 -0.25 -20.98
CA ASN A 399 0.56 -0.01 -22.08
C ASN A 399 -0.22 0.56 -23.26
N LEU A 400 0.46 0.65 -24.40
CA LEU A 400 -0.15 1.16 -25.63
C LEU A 400 -0.25 0.06 -26.69
N ILE A 401 -0.35 -1.20 -26.26
CA ILE A 401 -0.37 -2.31 -27.21
C ILE A 401 -1.61 -2.21 -28.08
N HIS A 402 -1.40 -2.28 -29.39
CA HIS A 402 -2.51 -2.28 -30.33
C HIS A 402 -2.79 -3.44 -31.27
N GLU A 403 -1.90 -4.45 -31.20
CA GLU A 403 -2.03 -5.68 -32.03
C GLU A 403 -1.09 -6.73 -31.42
N ILE A 404 -1.56 -7.97 -31.25
CA ILE A 404 -0.70 -9.04 -30.76
C ILE A 404 -0.76 -10.10 -31.84
N HIS A 405 0.38 -10.66 -32.19
CA HIS A 405 0.41 -11.70 -33.21
C HIS A 405 -0.41 -12.92 -32.82
N SER A 406 -1.04 -13.55 -33.82
CA SER A 406 -1.88 -14.72 -33.55
C SER A 406 -1.09 -15.84 -32.90
N ARG A 407 0.20 -15.94 -33.21
CA ARG A 407 1.06 -16.97 -32.64
C ARG A 407 1.91 -16.53 -31.46
N ALA A 408 1.60 -15.38 -30.86
CA ALA A 408 2.46 -14.83 -29.81
C ALA A 408 2.54 -15.77 -28.61
N PHE A 409 1.42 -16.34 -28.20
CA PHE A 409 1.33 -17.13 -26.99
C PHE A 409 1.40 -18.64 -27.26
N ALA A 410 1.72 -19.03 -28.49
CA ALA A 410 1.66 -20.46 -28.84
C ALA A 410 2.76 -21.25 -28.16
N THR A 411 3.97 -20.70 -28.08
CA THR A 411 5.12 -21.49 -27.65
C THR A 411 5.08 -21.79 -26.16
N LEU A 412 4.86 -20.76 -25.34
CA LEU A 412 4.79 -20.91 -23.86
C LEU A 412 3.63 -21.84 -23.51
N GLY A 413 3.87 -22.94 -22.76
CA GLY A 413 2.85 -23.90 -22.40
C GLY A 413 2.18 -23.71 -21.06
N PRO A 414 2.97 -23.69 -19.96
CA PRO A 414 2.39 -23.70 -18.60
C PRO A 414 2.08 -22.30 -18.05
N ILE A 415 1.42 -21.49 -18.84
CA ILE A 415 1.05 -20.16 -18.38
C ILE A 415 -0.26 -20.24 -17.61
N THR A 416 -0.31 -19.53 -16.48
CA THR A 416 -1.50 -19.48 -15.64
C THR A 416 -2.20 -18.13 -15.62
N ASN A 417 -1.44 -17.05 -15.46
CA ASN A 417 -1.98 -15.70 -15.44
C ASN A 417 -1.64 -14.91 -16.69
N LEU A 418 -2.62 -14.19 -17.22
CA LEU A 418 -2.38 -13.27 -18.31
C LEU A 418 -3.09 -11.96 -18.02
N ASP A 419 -2.35 -10.85 -18.09
CA ASP A 419 -2.85 -9.53 -17.75
C ASP A 419 -2.47 -8.57 -18.86
N VAL A 420 -3.42 -8.29 -19.76
CA VAL A 420 -3.25 -7.32 -20.88
C VAL A 420 -4.49 -6.40 -20.78
N SER A 421 -4.50 -5.43 -19.86
CA SER A 421 -5.66 -4.61 -19.58
C SER A 421 -5.26 -3.15 -19.67
N PHE A 422 -6.23 -2.31 -20.01
CA PHE A 422 -6.03 -0.87 -20.20
C PHE A 422 -5.08 -0.57 -21.36
N ASN A 423 -4.95 -1.51 -22.29
CA ASN A 423 -4.27 -1.26 -23.55
C ASN A 423 -5.29 -0.77 -24.57
N GLU A 424 -4.90 -0.71 -25.84
CA GLU A 424 -5.83 -0.38 -26.93
C GLU A 424 -5.83 -1.55 -27.90
N LEU A 425 -6.64 -2.56 -27.59
CA LEU A 425 -6.69 -3.78 -28.38
C LEU A 425 -7.98 -3.84 -29.19
N THR A 426 -7.87 -4.38 -30.40
CA THR A 426 -9.04 -4.63 -31.24
C THR A 426 -9.33 -6.11 -31.43
N SER A 427 -8.34 -6.98 -31.28
CA SER A 427 -8.52 -8.41 -31.38
C SER A 427 -7.57 -9.10 -30.42
N PHE A 428 -7.95 -10.31 -29.94
CA PHE A 428 -7.14 -11.07 -28.95
C PHE A 428 -6.86 -12.48 -29.46
N PRO A 429 -5.61 -13.00 -29.37
CA PRO A 429 -5.26 -14.32 -29.84
C PRO A 429 -5.77 -15.48 -28.97
N THR A 430 -6.09 -16.62 -29.58
CA THR A 430 -6.53 -17.84 -28.91
C THR A 430 -5.67 -18.98 -29.44
N GLU A 431 -4.46 -19.11 -28.91
CA GLU A 431 -3.56 -20.18 -29.31
C GLU A 431 -2.51 -20.34 -28.20
N GLY A 432 -2.55 -21.46 -27.50
CA GLY A 432 -1.69 -21.66 -26.35
C GLY A 432 -2.18 -21.04 -25.07
N LEU A 433 -3.40 -20.51 -25.06
CA LEU A 433 -3.98 -19.88 -23.88
C LEU A 433 -5.02 -20.75 -23.20
N ASN A 434 -5.13 -22.03 -23.59
CA ASN A 434 -6.16 -22.89 -23.01
C ASN A 434 -5.92 -23.13 -21.52
N GLY A 435 -4.67 -23.29 -21.11
CA GLY A 435 -4.37 -23.70 -19.76
C GLY A 435 -4.31 -22.60 -18.73
N LEU A 436 -4.55 -21.34 -19.12
CA LEU A 436 -4.41 -20.20 -18.16
C LEU A 436 -5.63 -20.13 -17.26
N ASN A 437 -5.45 -20.05 -15.93
CA ASN A 437 -6.56 -19.93 -15.00
C ASN A 437 -7.20 -18.55 -15.05
N GLN A 438 -6.38 -17.50 -15.14
CA GLN A 438 -6.87 -16.13 -15.01
C GLN A 438 -6.45 -15.32 -16.23
N LEU A 439 -7.41 -14.58 -16.79
CA LEU A 439 -7.17 -13.69 -17.92
C LEU A 439 -7.87 -12.37 -17.60
N LYS A 440 -7.17 -11.26 -17.83
CA LYS A 440 -7.72 -9.94 -17.55
C LYS A 440 -7.71 -9.10 -18.82
N LEU A 441 -8.89 -8.63 -19.22
CA LEU A 441 -9.06 -7.71 -20.35
C LEU A 441 -10.12 -6.67 -20.01
N VAL A 442 -9.70 -5.57 -19.39
CA VAL A 442 -10.59 -4.47 -19.06
C VAL A 442 -9.96 -3.16 -19.51
N GLY A 443 -10.75 -2.26 -20.07
CA GLY A 443 -10.22 -1.04 -20.61
C GLY A 443 -9.88 -1.13 -22.08
N ASN A 444 -9.97 -2.32 -22.67
CA ASN A 444 -9.78 -2.48 -24.11
C ASN A 444 -11.12 -2.25 -24.81
N PHE A 445 -11.54 -0.98 -24.80
CA PHE A 445 -12.85 -0.63 -25.32
C PHE A 445 -12.97 -0.88 -26.82
N LYS A 446 -11.85 -0.83 -27.55
CA LYS A 446 -11.88 -1.15 -28.96
C LYS A 446 -12.04 -2.64 -29.22
N LEU A 447 -11.93 -3.47 -28.19
CA LEU A 447 -12.06 -4.93 -28.33
C LEU A 447 -13.53 -5.28 -28.22
N LYS A 448 -14.19 -5.42 -29.37
CA LYS A 448 -15.61 -5.76 -29.42
C LYS A 448 -15.85 -7.20 -29.86
N GLU A 449 -14.80 -8.00 -29.99
CA GLU A 449 -14.94 -9.37 -30.45
C GLU A 449 -15.58 -10.23 -29.37
N ALA A 450 -15.78 -11.50 -29.69
CA ALA A 450 -16.37 -12.47 -28.78
C ALA A 450 -15.34 -13.52 -28.44
N LEU A 451 -15.21 -13.83 -27.14
CA LEU A 451 -14.27 -14.84 -26.68
C LEU A 451 -14.98 -16.18 -26.59
N ALA A 452 -14.51 -17.14 -27.39
CA ALA A 452 -15.12 -18.47 -27.40
C ALA A 452 -14.59 -19.29 -26.23
N ALA A 453 -15.51 -19.85 -25.44
CA ALA A 453 -15.12 -20.61 -24.27
C ALA A 453 -14.49 -21.96 -24.62
N LYS A 454 -14.59 -22.40 -25.87
CA LYS A 454 -13.93 -23.65 -26.26
C LYS A 454 -12.42 -23.53 -26.15
N ASP A 455 -11.87 -22.36 -26.50
CA ASP A 455 -10.43 -22.15 -26.39
C ASP A 455 -9.97 -22.21 -24.94
N PHE A 456 -10.71 -21.56 -24.04
CA PHE A 456 -10.34 -21.50 -22.62
C PHE A 456 -11.09 -22.60 -21.87
N VAL A 457 -10.56 -23.82 -21.97
CA VAL A 457 -11.19 -24.96 -21.32
C VAL A 457 -11.13 -24.80 -19.80
N ASN A 458 -9.96 -24.47 -19.27
CA ASN A 458 -9.78 -24.23 -17.85
C ASN A 458 -9.55 -22.73 -17.66
N LEU A 459 -10.42 -22.09 -16.87
CA LEU A 459 -10.30 -20.67 -16.60
C LEU A 459 -11.15 -20.35 -15.38
N ARG A 460 -10.52 -19.93 -14.29
CA ARG A 460 -11.26 -19.70 -13.06
C ARG A 460 -11.82 -18.28 -12.99
N SER A 461 -11.04 -17.29 -13.37
CA SER A 461 -11.46 -15.90 -13.29
C SER A 461 -11.27 -15.17 -14.61
N LEU A 462 -12.19 -14.26 -14.92
CA LEU A 462 -12.17 -13.54 -16.16
C LEU A 462 -12.59 -12.09 -16.00
N SER A 463 -11.94 -11.20 -16.73
CA SER A 463 -12.33 -9.80 -16.80
C SER A 463 -12.35 -9.37 -18.26
N VAL A 464 -13.47 -8.81 -18.70
CA VAL A 464 -13.65 -8.45 -20.10
C VAL A 464 -14.12 -7.00 -20.17
N PRO A 465 -13.88 -6.29 -21.28
CA PRO A 465 -14.31 -4.89 -21.34
C PRO A 465 -15.81 -4.71 -21.24
N TYR A 466 -16.60 -5.65 -21.75
CA TYR A 466 -18.04 -5.55 -21.79
C TYR A 466 -18.66 -6.83 -21.27
N ALA A 467 -19.87 -6.71 -20.71
CA ALA A 467 -20.53 -7.85 -20.10
C ALA A 467 -20.96 -8.88 -21.14
N TYR A 468 -21.29 -8.45 -22.35
CA TYR A 468 -21.79 -9.38 -23.35
C TYR A 468 -20.74 -10.38 -23.79
N GLN A 469 -19.45 -10.11 -23.56
CA GLN A 469 -18.43 -11.09 -23.84
C GLN A 469 -18.39 -12.17 -22.77
N CYS A 470 -18.62 -11.80 -21.51
CA CYS A 470 -18.70 -12.78 -20.44
C CYS A 470 -20.02 -13.52 -20.41
N CYS A 471 -21.04 -13.03 -21.13
CA CYS A 471 -22.30 -13.75 -21.21
C CYS A 471 -22.15 -15.12 -21.85
N ALA A 472 -21.08 -15.36 -22.61
CA ALA A 472 -20.91 -16.58 -23.38
C ALA A 472 -20.14 -17.67 -22.65
N PHE A 473 -19.80 -17.46 -21.38
CA PHE A 473 -18.97 -18.41 -20.66
C PHE A 473 -19.76 -19.35 -19.76
N TRP A 474 -20.75 -18.85 -19.03
CA TRP A 474 -21.56 -19.70 -18.17
C TRP A 474 -22.87 -20.10 -18.84
N ILE A 518 -14.25 -24.81 -10.52
CA ILE A 518 -15.56 -25.44 -10.52
C ILE A 518 -16.56 -24.58 -11.26
N ILE A 519 -16.34 -23.27 -11.25
CA ILE A 519 -17.21 -22.31 -11.93
C ILE A 519 -16.37 -21.11 -12.31
N ILE A 520 -16.81 -20.39 -13.34
CA ILE A 520 -16.06 -19.27 -13.90
C ILE A 520 -16.65 -17.98 -13.38
N HIS A 521 -15.82 -17.15 -12.77
CA HIS A 521 -16.23 -15.83 -12.28
C HIS A 521 -15.81 -14.78 -13.28
N CYS A 522 -16.72 -13.84 -13.57
CA CYS A 522 -16.49 -12.79 -14.55
C CYS A 522 -16.74 -11.45 -13.89
N THR A 523 -15.78 -10.52 -14.07
CA THR A 523 -15.86 -9.24 -13.37
C THR A 523 -17.08 -8.40 -13.75
N PRO A 524 -17.37 -8.11 -15.03
CA PRO A 524 -18.56 -7.30 -15.34
C PRO A 524 -19.81 -8.17 -15.35
N SER A 525 -20.65 -8.00 -14.33
CA SER A 525 -21.81 -8.85 -14.15
C SER A 525 -22.92 -8.49 -15.13
N THR A 526 -23.71 -9.49 -15.51
CA THR A 526 -24.84 -9.30 -16.42
C THR A 526 -26.10 -9.20 -15.57
N GLY A 527 -26.21 -8.10 -14.83
CA GLY A 527 -27.27 -7.93 -13.85
C GLY A 527 -28.63 -7.62 -14.44
N ALA A 528 -29.07 -8.42 -15.41
CA ALA A 528 -30.43 -8.37 -15.96
C ALA A 528 -30.69 -7.08 -16.72
N PHE A 529 -29.73 -6.15 -16.68
CA PHE A 529 -29.75 -4.98 -17.53
C PHE A 529 -28.77 -5.11 -18.69
N LYS A 530 -28.02 -6.21 -18.74
CA LYS A 530 -27.23 -6.60 -19.89
C LYS A 530 -27.63 -8.03 -20.24
N PRO A 531 -28.83 -8.20 -20.80
CA PRO A 531 -29.38 -9.56 -20.93
C PRO A 531 -28.51 -10.46 -21.79
N CYS A 532 -28.44 -11.73 -21.38
CA CYS A 532 -27.63 -12.68 -22.11
C CYS A 532 -28.37 -13.25 -23.32
N GLU A 533 -29.68 -13.47 -23.20
CA GLU A 533 -30.45 -14.12 -24.26
C GLU A 533 -31.49 -13.20 -24.87
N TYR A 534 -32.42 -12.66 -24.08
CA TYR A 534 -33.57 -11.95 -24.60
C TYR A 534 -33.53 -10.50 -24.14
N LEU A 535 -33.64 -9.57 -25.08
CA LEU A 535 -33.61 -8.15 -24.74
C LEU A 535 -34.83 -7.75 -23.93
N LEU A 536 -36.03 -8.10 -24.41
CA LEU A 536 -37.24 -7.68 -23.71
C LEU A 536 -37.48 -8.51 -22.45
N GLY A 537 -37.14 -9.80 -22.49
CA GLY A 537 -37.25 -10.63 -21.31
C GLY A 537 -38.42 -11.58 -21.32
N SER A 538 -39.31 -11.44 -20.34
CA SER A 538 -40.43 -12.36 -20.20
C SER A 538 -41.38 -12.26 -21.38
N TRP A 539 -42.02 -13.38 -21.70
CA TRP A 539 -42.89 -13.44 -22.86
C TRP A 539 -44.08 -12.49 -22.72
N MET A 540 -44.67 -12.42 -21.53
CA MET A 540 -45.79 -11.50 -21.34
C MET A 540 -45.35 -10.04 -21.43
N ILE A 541 -44.15 -9.73 -20.93
CA ILE A 541 -43.63 -8.37 -21.06
C ILE A 541 -43.43 -8.02 -22.53
N ARG A 542 -42.86 -8.95 -23.29
CA ARG A 542 -42.64 -8.69 -24.72
C ARG A 542 -43.95 -8.52 -25.46
N LEU A 543 -44.96 -9.34 -25.14
CA LEU A 543 -46.26 -9.19 -25.77
C LEU A 543 -46.89 -7.84 -25.43
N THR A 544 -46.80 -7.43 -24.17
CA THR A 544 -47.37 -6.14 -23.79
C THR A 544 -46.67 -4.98 -24.48
N VAL A 545 -45.34 -5.06 -24.63
CA VAL A 545 -44.62 -4.00 -25.31
C VAL A 545 -45.00 -3.95 -26.79
N TRP A 546 -45.16 -5.12 -27.41
CA TRP A 546 -45.61 -5.16 -28.80
C TRP A 546 -46.98 -4.52 -28.95
N PHE A 547 -47.90 -4.85 -28.03
CA PHE A 547 -49.24 -4.27 -28.09
C PHE A 547 -49.20 -2.76 -27.89
N ILE A 548 -48.36 -2.31 -26.95
CA ILE A 548 -48.22 -0.87 -26.70
C ILE A 548 -47.77 -0.17 -27.98
N PHE A 549 -46.73 -0.69 -28.62
CA PHE A 549 -46.21 -0.05 -29.83
C PHE A 549 -47.27 -0.01 -30.92
N LEU A 550 -47.96 -1.14 -31.14
CA LEU A 550 -48.93 -1.20 -32.23
C LEU A 550 -50.07 -0.20 -32.00
N VAL A 551 -50.64 -0.20 -30.79
CA VAL A 551 -51.78 0.67 -30.55
C VAL A 551 -51.35 2.14 -30.57
N ALA A 552 -50.16 2.44 -30.03
CA ALA A 552 -49.69 3.82 -30.05
C ALA A 552 -49.53 4.32 -31.48
N LEU A 553 -48.85 3.54 -32.31
CA LEU A 553 -48.65 3.96 -33.69
C LEU A 553 -49.98 4.16 -34.41
N PHE A 554 -50.90 3.22 -34.33
CA PHE A 554 -52.10 3.34 -35.18
C PHE A 554 -52.97 4.47 -34.73
N PHE A 555 -53.25 4.64 -33.43
CA PHE A 555 -54.17 5.67 -32.90
C PHE A 555 -53.58 7.04 -33.01
N ASN A 556 -52.27 7.17 -32.95
CA ASN A 556 -51.56 8.43 -33.09
C ASN A 556 -51.71 8.80 -34.56
N LEU A 557 -51.49 7.85 -35.47
CA LEU A 557 -51.66 8.15 -36.88
C LEU A 557 -53.10 8.57 -37.17
N LEU A 558 -54.07 7.90 -36.56
CA LEU A 558 -55.47 8.26 -36.78
C LEU A 558 -55.76 9.67 -36.28
N VAL A 559 -55.28 10.01 -35.09
CA VAL A 559 -55.57 11.33 -34.53
C VAL A 559 -54.90 12.43 -35.36
N ILE A 560 -53.65 12.22 -35.77
CA ILE A 560 -52.97 13.20 -36.61
C ILE A 560 -53.72 13.36 -37.92
N LEU A 561 -54.16 12.26 -38.54
CA LEU A 561 -54.89 12.36 -39.79
C LEU A 561 -56.17 13.17 -39.62
N THR A 562 -56.93 12.90 -38.55
CA THR A 562 -58.19 13.62 -38.34
C THR A 562 -57.94 15.11 -38.14
N THR A 563 -56.97 15.45 -37.28
CA THR A 563 -56.72 16.87 -37.02
C THR A 563 -56.17 17.58 -38.25
N PHE A 564 -55.26 16.94 -39.00
CA PHE A 564 -54.72 17.54 -40.21
C PHE A 564 -55.81 17.77 -41.25
N ALA A 565 -56.70 16.79 -41.44
CA ALA A 565 -57.70 16.93 -42.49
C ALA A 565 -58.78 17.95 -42.12
N SER A 566 -59.28 17.90 -40.89
CA SER A 566 -60.31 18.86 -40.45
C SER A 566 -59.61 20.18 -40.11
N CYS A 567 -59.10 20.83 -41.15
CA CYS A 567 -58.32 22.05 -41.03
C CYS A 567 -59.05 23.15 -41.79
N THR A 568 -59.99 23.79 -41.11
CA THR A 568 -60.62 25.02 -41.58
C THR A 568 -60.27 26.19 -40.67
N SER A 569 -60.54 26.07 -39.39
CA SER A 569 -60.04 26.97 -38.37
C SER A 569 -59.38 26.14 -37.28
N LEU A 570 -58.22 26.57 -36.81
CA LEU A 570 -57.44 25.78 -35.86
C LEU A 570 -57.42 26.46 -34.50
N PRO A 571 -58.27 26.05 -33.56
CA PRO A 571 -58.17 26.58 -32.21
C PRO A 571 -56.87 26.12 -31.55
N SER A 572 -56.45 26.91 -30.55
CA SER A 572 -55.18 26.61 -29.88
C SER A 572 -55.24 25.25 -29.18
N SER A 573 -56.37 24.93 -28.55
CA SER A 573 -56.49 23.64 -27.86
C SER A 573 -56.37 22.43 -28.78
N LYS A 574 -57.04 22.52 -29.94
CA LYS A 574 -57.01 21.45 -30.96
C LYS A 574 -55.65 21.36 -31.60
N LEU A 575 -54.94 22.45 -31.74
CA LEU A 575 -53.59 22.46 -32.28
C LEU A 575 -52.68 21.80 -31.26
N PHE A 576 -52.89 22.08 -29.98
CA PHE A 576 -52.03 21.52 -28.94
C PHE A 576 -52.30 20.03 -28.79
N ILE A 577 -53.57 19.61 -28.89
CA ILE A 577 -53.84 18.18 -28.79
C ILE A 577 -53.23 17.44 -29.98
N GLY A 578 -53.33 18.03 -31.18
CA GLY A 578 -52.63 17.45 -32.32
C GLY A 578 -51.13 17.38 -32.16
N LEU A 579 -50.52 18.41 -31.57
CA LEU A 579 -49.07 18.42 -31.41
C LEU A 579 -48.61 17.37 -30.39
N ILE A 580 -49.33 17.21 -29.28
CA ILE A 580 -48.92 16.19 -28.32
C ILE A 580 -49.10 14.79 -28.91
N SER A 581 -50.17 14.61 -29.69
CA SER A 581 -50.31 13.33 -30.38
C SER A 581 -49.21 13.12 -31.41
N VAL A 582 -48.70 14.20 -32.00
CA VAL A 582 -47.53 14.08 -32.88
C VAL A 582 -46.33 13.62 -32.09
N SER A 583 -46.11 14.21 -30.92
CA SER A 583 -44.94 13.86 -30.11
C SER A 583 -45.01 12.43 -29.60
N ASN A 584 -46.21 11.93 -29.32
CA ASN A 584 -46.34 10.54 -28.86
C ASN A 584 -46.01 9.54 -29.96
N LEU A 585 -46.15 9.94 -31.22
CA LEU A 585 -45.84 9.03 -32.33
C LEU A 585 -44.37 8.64 -32.32
N PHE A 586 -43.49 9.55 -31.90
CA PHE A 586 -42.08 9.21 -31.81
C PHE A 586 -41.82 8.25 -30.64
N MET A 587 -42.59 8.34 -29.57
CA MET A 587 -42.52 7.33 -28.53
C MET A 587 -42.93 5.97 -29.06
N GLY A 588 -44.00 5.93 -29.86
CA GLY A 588 -44.37 4.69 -30.52
C GLY A 588 -43.28 4.15 -31.42
N ILE A 589 -42.58 5.06 -32.12
CA ILE A 589 -41.49 4.65 -32.99
C ILE A 589 -40.35 4.04 -32.18
N TYR A 590 -40.04 4.65 -31.02
CA TYR A 590 -39.01 4.08 -30.16
C TYR A 590 -39.39 2.69 -29.66
N THR A 591 -40.64 2.53 -29.24
CA THR A 591 -41.09 1.21 -28.80
C THR A 591 -41.02 0.20 -29.93
N GLY A 592 -41.35 0.62 -31.14
CA GLY A 592 -41.23 -0.26 -32.29
C GLY A 592 -39.79 -0.66 -32.57
N ILE A 593 -38.87 0.29 -32.41
CA ILE A 593 -37.44 -0.02 -32.55
C ILE A 593 -37.06 -1.11 -31.56
N LEU A 594 -37.48 -0.96 -30.30
CA LEU A 594 -37.14 -1.96 -29.29
C LEU A 594 -37.73 -3.32 -29.63
N THR A 595 -39.01 -3.35 -30.03
CA THR A 595 -39.66 -4.61 -30.33
C THR A 595 -39.00 -5.32 -31.51
N PHE A 596 -38.69 -4.56 -32.57
CA PHE A 596 -38.08 -5.19 -33.74
C PHE A 596 -36.66 -5.64 -33.46
N LEU A 597 -35.92 -4.89 -32.64
CA LEU A 597 -34.58 -5.35 -32.27
C LEU A 597 -34.66 -6.64 -31.46
N ASP A 598 -35.60 -6.73 -30.52
CA ASP A 598 -35.75 -7.96 -29.76
C ASP A 598 -36.15 -9.12 -30.66
N ALA A 599 -37.06 -8.88 -31.59
CA ALA A 599 -37.48 -9.95 -32.50
C ALA A 599 -36.33 -10.42 -33.37
N VAL A 600 -35.53 -9.49 -33.90
CA VAL A 600 -34.41 -9.87 -34.75
C VAL A 600 -33.37 -10.65 -33.95
N SER A 601 -33.04 -10.18 -32.76
CA SER A 601 -32.05 -10.84 -31.90
C SER A 601 -32.81 -11.53 -30.76
N TRP A 602 -33.26 -12.76 -31.02
CA TRP A 602 -33.99 -13.55 -30.03
C TRP A 602 -33.08 -14.65 -29.55
N GLY A 603 -32.81 -14.67 -28.24
CA GLY A 603 -31.94 -15.67 -27.67
C GLY A 603 -30.50 -15.46 -28.07
N ARG A 604 -30.20 -14.41 -28.82
CA ARG A 604 -28.84 -14.11 -29.26
C ARG A 604 -28.30 -12.73 -28.86
N PHE A 605 -29.03 -12.03 -27.99
CA PHE A 605 -28.64 -10.67 -27.64
C PHE A 605 -27.21 -10.48 -27.13
N ALA A 606 -26.51 -11.56 -26.80
CA ALA A 606 -25.11 -11.43 -26.42
C ALA A 606 -24.37 -10.96 -27.67
N GLU A 607 -24.73 -11.49 -28.83
CA GLU A 607 -24.05 -11.09 -30.06
C GLU A 607 -24.42 -9.71 -30.68
N PHE A 608 -25.56 -9.18 -30.25
CA PHE A 608 -25.98 -7.85 -30.63
C PHE A 608 -25.77 -6.68 -29.69
N GLY A 609 -25.63 -6.94 -28.40
CA GLY A 609 -25.56 -5.85 -27.44
C GLY A 609 -24.25 -5.13 -27.70
N ILE A 610 -23.22 -5.88 -28.09
CA ILE A 610 -21.90 -5.26 -28.40
C ILE A 610 -22.20 -4.07 -29.32
N TRP A 611 -22.52 -4.28 -30.60
CA TRP A 611 -22.79 -3.21 -31.55
C TRP A 611 -23.95 -2.26 -31.28
N TRP A 612 -25.01 -2.75 -30.65
CA TRP A 612 -26.15 -1.88 -30.36
C TRP A 612 -25.76 -0.75 -29.43
N GLU A 613 -25.15 -1.08 -28.29
CA GLU A 613 -24.77 -0.06 -27.32
C GLU A 613 -23.68 0.85 -27.87
N THR A 614 -22.66 0.28 -28.49
CA THR A 614 -21.56 1.08 -29.04
C THR A 614 -21.78 1.35 -30.53
N GLY A 615 -22.85 2.08 -30.82
CA GLY A 615 -23.21 2.36 -32.19
C GLY A 615 -24.19 3.51 -32.27
N SER A 616 -24.59 3.81 -33.50
CA SER A 616 -25.50 4.92 -33.74
C SER A 616 -26.94 4.58 -33.36
N GLY A 617 -27.31 3.31 -33.40
CA GLY A 617 -28.69 2.93 -33.12
C GLY A 617 -29.12 3.30 -31.72
N CYS A 618 -28.24 3.08 -30.73
CA CYS A 618 -28.58 3.46 -29.38
C CYS A 618 -28.74 4.97 -29.25
N LYS A 619 -27.89 5.73 -29.94
CA LYS A 619 -28.03 7.18 -29.92
C LYS A 619 -29.37 7.62 -30.49
N VAL A 620 -29.77 7.03 -31.62
CA VAL A 620 -31.04 7.39 -32.23
C VAL A 620 -32.20 7.05 -31.31
N ALA A 621 -32.17 5.84 -30.73
CA ALA A 621 -33.27 5.41 -29.87
C ALA A 621 -33.37 6.28 -28.62
N GLY A 622 -32.23 6.58 -27.99
CA GLY A 622 -32.26 7.43 -26.81
C GLY A 622 -32.73 8.83 -27.12
N PHE A 623 -32.27 9.38 -28.24
CA PHE A 623 -32.73 10.70 -28.65
C PHE A 623 -34.24 10.71 -28.87
N LEU A 624 -34.77 9.69 -29.55
CA LEU A 624 -36.20 9.63 -29.79
C LEU A 624 -36.97 9.53 -28.48
N ALA A 625 -36.51 8.70 -27.56
CA ALA A 625 -37.21 8.55 -26.29
C ALA A 625 -37.23 9.86 -25.50
N VAL A 626 -36.06 10.48 -25.34
CA VAL A 626 -35.99 11.71 -24.55
C VAL A 626 -36.79 12.82 -25.22
N PHE A 627 -36.66 12.94 -26.55
CA PHE A 627 -37.38 13.98 -27.28
C PHE A 627 -38.89 13.80 -27.13
N SER A 628 -39.38 12.57 -27.28
CA SER A 628 -40.81 12.32 -27.15
C SER A 628 -41.30 12.66 -25.76
N SER A 629 -40.59 12.20 -24.72
CA SER A 629 -41.05 12.47 -23.36
C SER A 629 -41.08 13.96 -23.06
N GLU A 630 -39.98 14.65 -23.37
CA GLU A 630 -39.90 16.08 -23.04
C GLU A 630 -40.90 16.89 -23.86
N SER A 631 -41.04 16.57 -25.15
CA SER A 631 -42.01 17.29 -25.97
C SER A 631 -43.42 17.08 -25.45
N ALA A 632 -43.76 15.86 -25.05
CA ALA A 632 -45.10 15.62 -24.50
C ALA A 632 -45.32 16.41 -23.22
N ILE A 633 -44.32 16.45 -22.33
CA ILE A 633 -44.50 17.16 -21.07
C ILE A 633 -44.66 18.66 -21.32
N PHE A 634 -43.82 19.22 -22.19
CA PHE A 634 -43.88 20.66 -22.45
C PHE A 634 -45.18 21.04 -23.15
N LEU A 635 -45.63 20.22 -24.11
CA LEU A 635 -46.89 20.51 -24.77
C LEU A 635 -48.07 20.37 -23.82
N LEU A 636 -47.99 19.45 -22.85
CA LEU A 636 -49.02 19.38 -21.83
C LEU A 636 -49.06 20.64 -20.99
N MET A 637 -47.89 21.16 -20.60
CA MET A 637 -47.84 22.41 -19.85
C MET A 637 -48.50 23.58 -20.56
N LEU A 638 -48.17 23.76 -21.84
CA LEU A 638 -48.76 24.86 -22.61
C LEU A 638 -50.26 24.66 -22.87
N ALA A 639 -50.69 23.40 -22.99
CA ALA A 639 -52.11 23.12 -23.18
C ALA A 639 -52.87 23.58 -21.95
N THR A 640 -52.28 23.37 -20.78
CA THR A 640 -52.95 23.74 -19.53
C THR A 640 -52.93 25.24 -19.41
N VAL A 641 -51.84 25.88 -19.81
CA VAL A 641 -51.72 27.33 -19.74
C VAL A 641 -52.75 27.93 -20.70
N GLU A 642 -52.87 27.36 -21.90
CA GLU A 642 -53.84 27.85 -22.86
C GLU A 642 -55.27 27.67 -22.34
N ARG A 643 -55.55 26.53 -21.71
CA ARG A 643 -56.87 26.33 -21.13
C ARG A 643 -57.16 27.37 -20.05
N SER A 644 -56.17 27.64 -19.20
CA SER A 644 -56.37 28.66 -18.17
C SER A 644 -56.64 30.03 -18.77
N LEU A 645 -55.86 30.42 -19.79
CA LEU A 645 -56.04 31.72 -20.40
C LEU A 645 -57.39 31.83 -21.10
N SER A 646 -57.82 30.76 -21.77
CA SER A 646 -59.14 30.78 -22.41
C SER A 646 -60.25 30.87 -21.37
N ALA A 647 -60.10 30.16 -20.25
CA ALA A 647 -61.10 30.27 -19.19
C ALA A 647 -61.12 31.65 -18.57
N LYS A 648 -59.98 32.36 -18.59
CA LYS A 648 -59.95 33.74 -18.12
C LYS A 648 -60.86 34.62 -18.97
N ASP A 649 -60.86 34.42 -20.27
CA ASP A 649 -61.72 35.18 -21.17
C ASP A 649 -63.17 34.76 -21.02
N LYS A 655 -59.31 37.62 -32.38
CA LYS A 655 -59.27 38.92 -31.65
C LYS A 655 -58.23 38.83 -30.51
N SER A 656 -58.34 37.81 -29.65
CA SER A 656 -57.37 37.62 -28.57
C SER A 656 -55.96 37.49 -29.11
N ASN A 657 -55.79 36.73 -30.20
CA ASN A 657 -54.53 36.60 -30.93
C ASN A 657 -53.42 35.95 -30.12
N HIS A 658 -53.73 35.36 -28.97
CA HIS A 658 -52.71 34.62 -28.23
C HIS A 658 -52.47 33.33 -29.00
N LEU A 659 -53.41 32.95 -29.87
CA LEU A 659 -53.33 31.69 -30.66
C LEU A 659 -52.02 31.60 -31.46
N LYS A 660 -51.58 32.69 -32.10
CA LYS A 660 -50.30 32.74 -32.84
C LYS A 660 -49.16 32.72 -31.82
N GLN A 661 -49.27 33.43 -30.69
CA GLN A 661 -48.28 33.36 -29.62
C GLN A 661 -48.18 31.94 -29.06
N PHE A 662 -49.30 31.23 -29.00
CA PHE A 662 -49.24 29.84 -28.55
C PHE A 662 -48.57 28.94 -29.57
N ARG A 663 -48.71 29.23 -30.87
CA ARG A 663 -47.95 28.48 -31.87
C ARG A 663 -46.45 28.72 -31.70
N VAL A 664 -46.06 29.97 -31.44
CA VAL A 664 -44.66 30.26 -31.16
C VAL A 664 -44.19 29.50 -29.94
N ALA A 665 -45.03 29.47 -28.89
CA ALA A 665 -44.68 28.73 -27.68
C ALA A 665 -44.50 27.25 -27.98
N ALA A 666 -45.35 26.70 -28.84
CA ALA A 666 -45.20 25.30 -29.23
C ALA A 666 -43.89 25.06 -29.95
N LEU A 667 -43.49 25.99 -30.83
CA LEU A 667 -42.21 25.85 -31.50
C LEU A 667 -41.04 25.86 -30.53
N LEU A 668 -41.07 26.76 -29.54
CA LEU A 668 -40.03 26.77 -28.51
C LEU A 668 -40.04 25.48 -27.68
N ALA A 669 -41.23 24.94 -27.40
CA ALA A 669 -41.30 23.69 -26.65
C ALA A 669 -40.65 22.57 -27.44
N PHE A 670 -40.94 22.49 -28.74
CA PHE A 670 -40.33 21.46 -29.58
C PHE A 670 -38.85 21.76 -29.64
N LEU A 671 -38.48 23.04 -29.76
CA LEU A 671 -37.06 23.37 -29.81
C LEU A 671 -36.30 22.94 -28.54
N GLY A 672 -36.87 23.25 -27.38
CA GLY A 672 -36.31 22.74 -26.14
C GLY A 672 -36.23 21.24 -25.94
N ALA A 673 -37.25 20.51 -26.40
CA ALA A 673 -37.21 19.06 -26.34
C ALA A 673 -36.07 18.52 -27.19
N THR A 674 -35.86 19.09 -28.38
CA THR A 674 -34.75 18.65 -29.22
C THR A 674 -33.41 18.89 -28.53
N VAL A 675 -33.26 20.05 -27.89
CA VAL A 675 -32.02 20.34 -27.18
C VAL A 675 -31.79 19.33 -26.05
N ALA A 676 -32.85 19.06 -25.29
CA ALA A 676 -32.73 18.11 -24.18
C ALA A 676 -32.36 16.72 -24.69
N GLY A 677 -32.95 16.30 -25.82
CA GLY A 677 -32.60 15.01 -26.38
C GLY A 677 -31.18 14.96 -26.90
N CYS A 678 -30.71 16.07 -27.49
CA CYS A 678 -29.38 16.10 -28.07
C CYS A 678 -28.27 16.33 -27.05
N PHE A 679 -28.61 16.74 -25.82
CA PHE A 679 -27.57 16.98 -24.83
C PHE A 679 -26.71 15.76 -24.53
N PRO A 680 -27.26 14.57 -24.26
CA PRO A 680 -26.39 13.42 -23.95
C PRO A 680 -25.56 12.94 -25.12
N LEU A 681 -25.85 13.39 -26.34
CA LEU A 681 -25.06 12.96 -27.49
C LEU A 681 -23.60 13.37 -27.35
N PHE A 682 -23.35 14.60 -26.89
CA PHE A 682 -22.01 15.13 -26.79
C PHE A 682 -21.34 14.83 -25.44
N HIS A 683 -22.07 14.22 -24.50
CA HIS A 683 -21.48 13.75 -23.27
C HIS A 683 -20.85 12.37 -23.50
N ARG A 684 -20.50 11.69 -22.41
CA ARG A 684 -19.80 10.42 -22.49
C ARG A 684 -20.73 9.27 -22.14
N GLY A 685 -21.20 8.56 -23.17
CA GLY A 685 -21.89 7.29 -22.99
C GLY A 685 -23.14 7.34 -22.14
N GLU A 686 -23.91 8.42 -22.22
CA GLU A 686 -25.15 8.48 -21.46
C GLU A 686 -26.17 7.46 -21.97
N TYR A 687 -26.25 7.30 -23.29
CA TYR A 687 -27.17 6.34 -23.89
C TYR A 687 -26.60 4.93 -23.94
N SER A 688 -25.31 4.75 -23.68
CA SER A 688 -24.67 3.45 -23.77
C SER A 688 -24.74 2.67 -22.46
N ALA A 689 -25.42 3.19 -21.43
CA ALA A 689 -25.51 2.49 -20.17
C ALA A 689 -26.43 1.28 -20.24
N SER A 690 -27.48 1.36 -21.05
CA SER A 690 -28.48 0.30 -21.14
C SER A 690 -28.76 -0.04 -22.59
N PRO A 691 -29.10 -1.30 -22.88
CA PRO A 691 -29.50 -1.65 -24.24
C PRO A 691 -30.78 -0.96 -24.68
N LEU A 692 -31.62 -0.56 -23.72
CA LEU A 692 -32.84 0.21 -24.07
C LEU A 692 -32.39 1.56 -24.61
N CYS A 693 -31.20 2.07 -24.24
CA CYS A 693 -30.71 3.40 -24.57
C CYS A 693 -31.41 4.49 -23.77
N LEU A 694 -31.94 4.16 -22.61
CA LEU A 694 -32.55 5.16 -21.75
C LEU A 694 -31.51 5.73 -20.80
N PRO A 695 -31.70 6.98 -20.37
CA PRO A 695 -30.74 7.59 -19.43
C PRO A 695 -31.00 7.18 -17.98
N PHE A 696 -31.77 6.12 -17.76
CA PHE A 696 -32.10 5.64 -16.42
C PHE A 696 -31.62 4.21 -16.27
N PRO A 697 -30.33 4.00 -16.03
CA PRO A 697 -29.80 2.64 -15.86
C PRO A 697 -29.78 2.07 -14.45
N THR A 698 -29.14 0.91 -14.29
CA THR A 698 -29.01 0.32 -12.96
C THR A 698 -27.90 0.84 -12.08
N GLY A 699 -28.23 1.19 -10.84
CA GLY A 699 -27.23 1.64 -9.90
C GLY A 699 -26.48 2.86 -10.42
N GLU A 700 -25.18 2.70 -10.61
CA GLU A 700 -24.34 3.81 -11.07
C GLU A 700 -24.74 4.23 -12.48
N THR A 701 -24.70 5.54 -12.73
CA THR A 701 -25.03 6.12 -14.01
C THR A 701 -23.82 6.84 -14.59
N PRO A 702 -23.74 6.95 -15.92
CA PRO A 702 -22.60 7.68 -16.51
C PRO A 702 -22.51 9.14 -16.05
N SER A 703 -23.65 9.79 -15.83
CA SER A 703 -23.67 11.15 -15.32
C SER A 703 -24.89 11.29 -14.40
N LEU A 704 -24.63 11.48 -13.11
CA LEU A 704 -25.73 11.66 -12.16
C LEU A 704 -26.49 12.96 -12.43
N GLY A 705 -25.80 13.99 -12.92
CA GLY A 705 -26.43 15.29 -13.06
C GLY A 705 -27.57 15.32 -14.06
N PHE A 706 -27.38 14.69 -15.21
CA PHE A 706 -28.38 14.78 -16.27
C PHE A 706 -29.72 14.16 -15.88
N THR A 707 -29.67 12.93 -15.36
CA THR A 707 -30.88 12.19 -14.94
C THR A 707 -31.50 12.90 -13.76
N VAL A 708 -30.70 13.51 -12.88
CA VAL A 708 -31.23 14.17 -11.64
C VAL A 708 -31.91 15.44 -12.17
N THR A 709 -31.27 16.14 -13.10
CA THR A 709 -31.92 17.28 -13.76
C THR A 709 -33.23 17.00 -14.45
N LEU A 710 -33.27 15.98 -15.31
CA LEU A 710 -34.47 15.69 -16.07
C LEU A 710 -35.68 15.41 -15.18
N VAL A 711 -35.52 14.54 -14.19
CA VAL A 711 -36.68 14.22 -13.35
C VAL A 711 -37.24 15.38 -12.52
N LEU A 712 -36.36 16.23 -11.99
CA LEU A 712 -36.86 17.34 -11.20
C LEU A 712 -37.39 18.35 -12.21
N LEU A 713 -36.79 18.44 -13.40
CA LEU A 713 -37.39 19.37 -14.37
C LEU A 713 -38.84 18.92 -14.67
N ASN A 714 -38.99 17.65 -15.02
CA ASN A 714 -40.33 17.10 -15.20
C ASN A 714 -41.32 17.14 -14.03
N SER A 715 -40.86 16.74 -12.84
CA SER A 715 -41.72 16.81 -11.67
C SER A 715 -42.11 18.25 -11.37
N LEU A 716 -41.17 19.17 -11.54
CA LEU A 716 -41.48 20.60 -11.34
C LEU A 716 -42.66 20.98 -12.23
N ALA A 717 -42.53 20.77 -13.54
CA ALA A 717 -43.58 21.15 -14.48
C ALA A 717 -44.91 20.49 -14.11
N PHE A 718 -44.85 19.23 -13.69
CA PHE A 718 -46.05 18.53 -13.22
C PHE A 718 -46.72 19.31 -12.09
N LEU A 719 -45.94 19.72 -11.10
CA LEU A 719 -46.47 20.51 -9.99
C LEU A 719 -47.06 21.83 -10.49
N LEU A 720 -46.40 22.51 -11.43
CA LEU A 720 -47.01 23.73 -11.94
C LEU A 720 -48.40 23.43 -12.50
N MET A 721 -48.46 22.72 -13.63
CA MET A 721 -49.77 22.47 -14.27
C MET A 721 -50.79 22.07 -13.20
N ALA A 722 -50.39 21.20 -12.27
CA ALA A 722 -51.28 20.79 -11.18
C ALA A 722 -51.79 22.03 -10.44
N VAL A 723 -50.92 22.98 -10.13
CA VAL A 723 -51.38 24.15 -9.39
C VAL A 723 -52.28 25.05 -10.24
N ILE A 724 -52.00 25.18 -11.54
CA ILE A 724 -52.93 25.94 -12.39
C ILE A 724 -54.29 25.27 -12.51
N TYR A 725 -54.34 23.93 -12.61
CA TYR A 725 -55.66 23.31 -12.58
C TYR A 725 -56.33 23.42 -11.22
N THR A 726 -55.55 23.48 -10.13
CA THR A 726 -56.14 23.76 -8.83
C THR A 726 -56.76 25.15 -8.80
N LYS A 727 -56.06 26.13 -9.38
CA LYS A 727 -56.60 27.48 -9.47
C LYS A 727 -57.87 27.50 -10.30
N LEU A 728 -57.89 26.75 -11.40
CA LEU A 728 -59.10 26.66 -12.22
C LEU A 728 -60.25 26.05 -11.43
N TYR A 729 -59.97 24.99 -10.66
CA TYR A 729 -61.01 24.38 -9.84
C TYR A 729 -61.54 25.37 -8.81
N CYS A 730 -60.65 26.15 -8.19
CA CYS A 730 -61.09 27.17 -7.25
C CYS A 730 -61.95 28.22 -7.94
N ASN A 731 -61.56 28.62 -9.16
CA ASN A 731 -62.32 29.62 -9.89
C ASN A 731 -63.73 29.12 -10.22
N LEU A 732 -63.84 27.86 -10.65
CA LEU A 732 -65.17 27.29 -10.91
C LEU A 732 -65.51 26.22 -9.88
N SER A 741 -67.65 23.85 -25.67
CA SER A 741 -67.50 25.11 -24.95
C SER A 741 -66.15 25.19 -24.25
N GLN A 742 -65.90 26.31 -23.59
CA GLN A 742 -64.64 26.48 -22.86
C GLN A 742 -64.53 25.47 -21.73
N SER A 743 -65.63 25.19 -21.04
CA SER A 743 -65.64 24.18 -19.99
C SER A 743 -65.35 22.79 -20.53
N SER A 744 -65.62 22.55 -21.80
CA SER A 744 -65.36 21.24 -22.40
C SER A 744 -63.89 21.11 -22.78
N MET A 745 -63.44 19.86 -22.88
CA MET A 745 -62.04 19.49 -23.09
C MET A 745 -61.16 19.84 -21.89
N ILE A 746 -61.72 20.56 -20.91
CA ILE A 746 -61.01 20.75 -19.65
C ILE A 746 -60.83 19.41 -18.95
N LYS A 747 -61.89 18.59 -18.94
CA LYS A 747 -61.77 17.25 -18.40
C LYS A 747 -60.77 16.42 -19.19
N HIS A 748 -60.74 16.60 -20.51
CA HIS A 748 -59.80 15.84 -21.34
C HIS A 748 -58.36 16.18 -20.96
N VAL A 749 -58.05 17.47 -20.82
CA VAL A 749 -56.70 17.87 -20.43
C VAL A 749 -56.39 17.39 -19.02
N ALA A 750 -57.37 17.45 -18.13
CA ALA A 750 -57.14 16.95 -16.77
C ALA A 750 -56.82 15.47 -16.77
N TRP A 751 -57.53 14.68 -17.58
CA TRP A 751 -57.24 13.26 -17.68
C TRP A 751 -55.85 13.04 -18.28
N LEU A 752 -55.47 13.86 -19.25
CA LEU A 752 -54.13 13.75 -19.82
C LEU A 752 -53.07 13.94 -18.75
N ILE A 753 -53.23 14.99 -17.93
CA ILE A 753 -52.28 15.22 -16.84
C ILE A 753 -52.32 14.04 -15.88
N PHE A 754 -53.51 13.56 -15.57
CA PHE A 754 -53.66 12.48 -14.60
C PHE A 754 -52.87 11.26 -15.05
N THR A 755 -53.14 10.78 -16.26
CA THR A 755 -52.44 9.60 -16.76
C THR A 755 -50.94 9.84 -16.93
N ASN A 756 -50.56 11.04 -17.40
CA ASN A 756 -49.15 11.29 -17.61
C ASN A 756 -48.36 11.19 -16.32
N CYS A 757 -48.87 11.71 -15.20
CA CYS A 757 -48.15 11.55 -13.91
C CYS A 757 -48.25 10.09 -13.43
N ILE A 758 -49.37 9.42 -13.44
CA ILE A 758 -49.48 8.06 -12.90
C ILE A 758 -48.63 7.08 -13.72
N PHE A 759 -48.12 7.53 -14.86
CA PHE A 759 -47.21 6.72 -15.65
C PHE A 759 -45.80 7.32 -15.69
N PHE A 760 -45.59 8.52 -15.15
CA PHE A 760 -44.23 9.05 -15.06
C PHE A 760 -43.76 9.22 -13.62
N CYS A 761 -44.54 9.88 -12.78
CA CYS A 761 -44.09 10.11 -11.40
C CYS A 761 -43.70 8.81 -10.68
N PRO A 762 -44.43 7.67 -10.86
CA PRO A 762 -43.98 6.42 -10.27
C PRO A 762 -42.61 6.02 -10.79
N VAL A 763 -42.39 5.96 -12.12
CA VAL A 763 -41.10 5.53 -12.64
C VAL A 763 -40.01 6.55 -12.34
N ALA A 764 -40.35 7.84 -12.24
CA ALA A 764 -39.35 8.82 -11.86
C ALA A 764 -38.83 8.57 -10.44
N PHE A 765 -39.75 8.45 -9.48
CA PHE A 765 -39.33 8.17 -8.10
C PHE A 765 -38.57 6.87 -7.91
N PHE A 766 -38.93 5.87 -8.73
CA PHE A 766 -38.34 4.50 -8.66
C PHE A 766 -36.97 4.49 -9.23
N SER A 767 -36.78 5.25 -10.28
CA SER A 767 -35.45 5.40 -10.87
C SER A 767 -34.61 6.22 -9.90
N PHE A 768 -35.25 7.11 -9.14
CA PHE A 768 -34.55 7.78 -8.05
C PHE A 768 -34.21 6.84 -6.91
N ALA A 769 -34.95 5.73 -6.79
CA ALA A 769 -34.75 4.81 -5.66
C ALA A 769 -33.35 4.22 -5.58
N PRO A 770 -32.71 3.76 -6.67
CA PRO A 770 -31.37 3.18 -6.52
C PRO A 770 -30.35 4.14 -5.93
N LEU A 771 -30.53 5.45 -6.10
CA LEU A 771 -29.62 6.40 -5.47
C LEU A 771 -29.68 6.30 -3.96
N ILE A 772 -30.86 6.13 -3.40
CA ILE A 772 -31.03 5.96 -1.96
C ILE A 772 -30.71 4.51 -1.60
N THR A 773 -29.73 4.33 -0.72
CA THR A 773 -29.31 2.98 -0.33
C THR A 773 -30.32 2.30 0.58
N ALA A 774 -31.26 3.06 1.17
CA ALA A 774 -32.24 2.46 2.06
C ALA A 774 -33.17 1.51 1.32
N ILE A 775 -33.55 1.87 0.09
CA ILE A 775 -34.50 1.09 -0.69
C ILE A 775 -33.73 0.23 -1.68
N SER A 776 -34.08 -1.05 -1.76
CA SER A 776 -33.44 -1.98 -2.68
C SER A 776 -34.53 -2.65 -3.53
N ILE A 777 -34.22 -2.84 -4.82
CA ILE A 777 -35.18 -3.40 -5.77
C ILE A 777 -34.42 -4.21 -6.80
N SER A 778 -35.06 -5.26 -7.30
CA SER A 778 -34.41 -6.18 -8.22
C SER A 778 -34.22 -5.54 -9.59
N PRO A 779 -33.10 -5.79 -10.26
CA PRO A 779 -32.92 -5.26 -11.63
C PRO A 779 -33.94 -5.77 -12.63
N GLU A 780 -34.44 -7.00 -12.44
CA GLU A 780 -35.48 -7.50 -13.33
C GLU A 780 -36.73 -6.64 -13.23
N ILE A 781 -37.15 -6.31 -12.01
CA ILE A 781 -38.27 -5.40 -11.82
C ILE A 781 -38.08 -4.00 -12.40
N MET A 782 -36.92 -3.44 -12.14
CA MET A 782 -36.65 -2.12 -12.70
C MET A 782 -36.84 -2.25 -14.19
N LYS A 783 -36.12 -3.09 -14.88
CA LYS A 783 -36.08 -3.15 -16.34
C LYS A 783 -37.50 -3.39 -16.82
N SER A 784 -38.20 -4.37 -16.23
CA SER A 784 -39.53 -4.70 -16.71
C SER A 784 -40.50 -3.53 -16.47
N VAL A 785 -40.47 -2.96 -15.27
CA VAL A 785 -41.39 -1.87 -15.01
C VAL A 785 -41.04 -0.63 -15.84
N THR A 786 -39.75 -0.35 -16.03
CA THR A 786 -39.38 0.74 -16.93
C THR A 786 -39.91 0.67 -18.35
N LEU A 787 -39.76 -0.51 -18.98
CA LEU A 787 -40.15 -0.72 -20.39
C LEU A 787 -41.67 -0.62 -20.59
N ILE A 788 -42.48 -1.15 -19.68
CA ILE A 788 -43.96 -1.19 -19.85
C ILE A 788 -44.57 0.14 -19.41
N PHE A 789 -43.83 0.99 -18.69
CA PHE A 789 -44.36 2.21 -18.12
C PHE A 789 -43.86 3.42 -18.88
N PHE A 790 -42.70 3.34 -19.54
CA PHE A 790 -42.22 4.49 -20.31
C PHE A 790 -43.14 4.88 -21.45
N PRO A 791 -43.60 3.98 -22.32
CA PRO A 791 -44.46 4.40 -23.44
C PRO A 791 -45.96 4.36 -23.17
N LEU A 792 -46.38 4.00 -21.96
CA LEU A 792 -47.81 3.93 -21.67
C LEU A 792 -48.53 5.25 -21.87
N PRO A 793 -48.00 6.41 -21.50
CA PRO A 793 -48.71 7.66 -21.84
C PRO A 793 -48.94 7.83 -23.33
N ALA A 794 -47.96 7.45 -24.15
CA ALA A 794 -48.14 7.52 -25.59
C ALA A 794 -49.18 6.52 -26.07
N CYS A 795 -49.29 5.38 -25.39
CA CYS A 795 -50.36 4.43 -25.69
C CYS A 795 -51.72 5.00 -25.33
N LEU A 796 -51.81 5.73 -24.22
CA LEU A 796 -53.08 6.06 -23.61
C LEU A 796 -53.67 7.40 -24.06
N ASN A 797 -52.84 8.36 -24.42
CA ASN A 797 -53.39 9.66 -24.85
C ASN A 797 -54.36 9.63 -26.03
N PRO A 798 -54.01 9.07 -27.18
CA PRO A 798 -54.95 9.14 -28.32
C PRO A 798 -56.21 8.31 -28.15
N VAL A 799 -56.15 7.22 -27.37
CA VAL A 799 -57.35 6.41 -27.18
C VAL A 799 -58.28 7.23 -26.30
N LEU A 800 -57.72 7.90 -25.29
CA LEU A 800 -58.54 8.80 -24.47
C LEU A 800 -59.15 9.91 -25.32
N TYR A 801 -58.37 10.48 -26.24
CA TYR A 801 -58.93 11.52 -27.10
C TYR A 801 -59.98 10.95 -28.04
N VAL A 802 -59.74 9.77 -28.59
CA VAL A 802 -60.63 9.21 -29.61
C VAL A 802 -61.97 8.83 -29.01
N PHE A 803 -61.95 8.13 -27.88
CA PHE A 803 -63.18 7.54 -27.37
C PHE A 803 -64.04 8.54 -26.60
N PHE A 804 -63.46 9.62 -26.09
CA PHE A 804 -64.19 10.52 -25.22
C PHE A 804 -64.14 11.97 -25.69
N ASN A 805 -64.42 12.23 -26.97
CA ASN A 805 -64.39 13.60 -27.49
C ASN A 805 -65.46 13.86 -28.54
N PRO A 806 -66.52 14.59 -28.18
CA PRO A 806 -67.45 15.09 -29.20
C PRO A 806 -66.76 15.82 -30.36
N LYS A 807 -65.77 16.65 -30.02
CA LYS A 807 -64.93 17.25 -31.06
C LYS A 807 -64.24 16.29 -32.01
N PHE A 808 -63.67 15.20 -31.48
CA PHE A 808 -63.03 14.22 -32.35
C PHE A 808 -64.05 13.56 -33.24
N LYS A 809 -65.23 13.22 -32.70
CA LYS A 809 -66.20 12.54 -33.55
C LYS A 809 -66.68 13.47 -34.68
N GLU A 810 -66.85 14.76 -34.38
CA GLU A 810 -67.18 15.71 -35.44
C GLU A 810 -66.08 15.86 -36.47
N ASP A 811 -64.82 15.88 -36.03
CA ASP A 811 -63.71 15.92 -36.97
C ASP A 811 -63.67 14.67 -37.84
N TRP A 812 -64.03 13.53 -37.28
CA TRP A 812 -64.09 12.30 -38.06
C TRP A 812 -65.21 12.36 -39.09
N LYS A 813 -66.35 12.96 -38.72
CA LYS A 813 -67.42 13.18 -39.69
C LYS A 813 -66.95 14.08 -40.81
N LEU A 814 -66.19 15.13 -40.47
CA LEU A 814 -65.63 16.00 -41.51
C LEU A 814 -64.67 15.23 -42.40
N LEU A 815 -63.86 14.34 -41.83
CA LEU A 815 -63.01 13.46 -42.62
C LEU A 815 -63.83 12.61 -43.58
N LYS A 816 -64.91 12.01 -43.09
CA LYS A 816 -65.73 11.17 -43.97
C LYS A 816 -66.34 11.99 -45.09
N ARG A 817 -66.81 13.20 -44.78
CA ARG A 817 -67.38 14.07 -45.80
C ARG A 817 -66.34 14.45 -46.85
N ARG A 818 -65.13 14.81 -46.42
CA ARG A 818 -64.08 15.19 -47.36
C ARG A 818 -63.67 14.00 -48.23
N VAL A 819 -63.59 12.80 -47.63
CA VAL A 819 -63.23 11.61 -48.40
C VAL A 819 -64.30 11.32 -49.44
N THR A 820 -65.57 11.41 -49.06
CA THR A 820 -66.65 11.19 -50.01
C THR A 820 -66.62 12.24 -51.13
N LYS A 821 -66.34 13.48 -50.79
CA LYS A 821 -66.25 14.55 -51.78
C LYS A 821 -65.08 14.34 -52.72
N LEU B 3 31.30 18.27 58.07
CA LEU B 3 31.84 17.00 58.52
C LEU B 3 33.17 16.63 57.87
N ARG B 4 34.00 15.95 58.67
CA ARG B 4 35.24 15.32 58.26
C ARG B 4 35.31 13.80 58.27
N LEU B 5 35.75 13.19 57.18
CA LEU B 5 35.94 11.75 57.17
C LEU B 5 37.13 11.33 56.30
N SER B 6 37.92 10.39 56.84
CA SER B 6 39.19 10.02 56.24
C SER B 6 39.27 8.53 56.01
N CYS B 7 40.04 8.17 54.98
CA CYS B 7 40.35 6.79 54.65
C CYS B 7 41.85 6.58 54.73
N ALA B 8 42.25 5.45 55.31
CA ALA B 8 43.66 5.10 55.47
C ALA B 8 44.00 3.97 54.51
N ALA B 9 45.11 4.11 53.77
CA ALA B 9 45.57 3.11 52.77
C ALA B 9 46.61 2.21 53.40
N SER B 10 46.36 0.89 53.47
CA SER B 10 47.32 -0.07 54.01
C SER B 10 48.62 -0.07 53.21
N GLY B 11 48.51 0.02 51.89
CA GLY B 11 49.69 0.00 51.04
C GLY B 11 50.32 1.37 50.89
N TYR B 12 51.27 1.44 49.97
CA TYR B 12 52.00 2.68 49.73
C TYR B 12 51.09 3.70 49.04
N THR B 13 51.52 4.97 49.09
CA THR B 13 50.68 6.08 48.67
C THR B 13 50.27 5.95 47.21
N TYR B 14 48.96 6.03 46.96
CA TYR B 14 48.41 5.89 45.62
C TYR B 14 48.12 7.23 44.96
N SER B 15 48.62 8.33 45.53
CA SER B 15 48.42 9.65 44.94
C SER B 15 48.88 9.77 43.49
N PRO B 16 50.04 9.23 43.07
CA PRO B 16 50.41 9.34 41.66
C PRO B 16 49.49 8.57 40.71
N TYR B 17 48.41 7.98 41.21
CA TYR B 17 47.48 7.22 40.38
C TYR B 17 46.06 7.60 40.75
N CYS B 18 45.11 7.10 39.96
CA CYS B 18 43.71 7.41 40.19
C CYS B 18 43.26 6.96 41.58
N MET B 19 42.56 7.85 42.29
CA MET B 19 42.26 7.65 43.69
C MET B 19 41.13 8.55 44.16
N GLY B 20 40.09 7.98 44.77
CA GLY B 20 38.93 8.79 45.10
C GLY B 20 37.86 8.13 45.94
N TRP B 21 36.68 8.75 45.96
CA TRP B 21 35.57 8.35 46.81
C TRP B 21 34.34 7.97 45.99
N PHE B 22 33.61 6.99 46.53
CA PHE B 22 32.38 6.51 45.89
C PHE B 22 31.26 6.58 46.89
N ARG B 23 30.04 6.60 46.39
CA ARG B 23 28.83 6.54 47.19
C ARG B 23 28.00 5.33 46.79
N GLN B 24 27.43 4.67 47.78
CA GLN B 24 26.51 3.55 47.64
C GLN B 24 25.19 3.90 48.28
N ALA B 25 24.11 3.76 47.51
CA ALA B 25 22.76 3.86 48.04
C ALA B 25 22.08 2.52 47.91
N PRO B 26 21.28 2.12 48.91
CA PRO B 26 20.77 0.74 48.95
C PRO B 26 19.94 0.38 47.74
N GLY B 27 20.44 -0.59 46.96
CA GLY B 27 19.71 -1.16 45.85
C GLY B 27 20.16 -0.69 44.48
N LYS B 28 20.92 0.40 44.40
CA LYS B 28 21.34 0.95 43.12
C LYS B 28 22.87 1.01 43.05
N ALA B 29 23.36 1.50 41.93
CA ALA B 29 24.77 1.40 41.59
C ALA B 29 25.63 2.32 42.44
N ARG B 30 26.92 1.98 42.51
CA ARG B 30 27.91 2.84 43.14
C ARG B 30 28.27 4.02 42.25
N GLU B 31 28.21 5.22 42.82
CA GLU B 31 28.56 6.45 42.05
C GLU B 31 29.75 7.14 42.72
N GLY B 32 30.72 7.62 41.93
CA GLY B 32 31.86 8.33 42.47
C GLY B 32 31.53 9.79 42.61
N VAL B 33 32.19 10.43 43.58
CA VAL B 33 32.02 11.85 43.79
C VAL B 33 33.33 12.62 43.82
N ALA B 34 34.46 12.00 44.14
CA ALA B 34 35.74 12.69 44.19
C ALA B 34 36.80 11.81 43.54
N THR B 35 37.70 12.45 42.80
CA THR B 35 38.79 11.74 42.16
C THR B 35 40.06 12.58 42.20
N VAL B 36 41.17 11.95 42.58
CA VAL B 36 42.49 12.59 42.61
C VAL B 36 43.36 11.95 41.54
N ASP B 37 44.13 12.78 40.84
CA ASP B 37 45.02 12.31 39.79
C ASP B 37 46.39 12.96 39.93
N LEU B 38 47.22 12.85 38.90
CA LEU B 38 48.54 13.46 38.94
C LEU B 38 48.43 14.97 39.15
N ASP B 39 49.43 15.54 39.83
CA ASP B 39 49.49 16.95 40.18
C ASP B 39 48.34 17.39 41.05
N GLY B 40 47.69 16.45 41.74
CA GLY B 40 46.63 16.79 42.66
C GLY B 40 45.36 17.29 42.00
N SER B 41 45.18 17.04 40.71
CA SER B 41 43.97 17.47 40.03
C SER B 41 42.76 16.75 40.59
N THR B 42 41.71 17.51 40.89
CA THR B 42 40.51 16.98 41.52
C THR B 42 39.34 17.00 40.55
N ILE B 43 38.56 15.93 40.56
CA ILE B 43 37.39 15.79 39.70
C ILE B 43 36.18 15.48 40.58
N TYR B 44 35.10 16.22 40.32
CA TYR B 44 33.82 16.02 41.05
C TYR B 44 32.74 15.79 40.04
N ALA B 45 31.55 15.39 40.49
CA ALA B 45 30.39 15.21 39.65
C ALA B 45 29.51 16.46 39.73
N ASP B 46 28.30 16.36 39.17
CA ASP B 46 27.46 17.54 39.00
C ASP B 46 27.04 18.15 40.34
N SER B 47 26.55 17.34 41.26
CA SER B 47 26.04 17.81 42.54
C SER B 47 26.94 17.71 43.76
N VAL B 48 28.23 17.95 43.50
CA VAL B 48 29.31 17.85 44.51
C VAL B 48 30.14 19.14 44.48
N LYS B 49 29.85 20.10 43.59
CA LYS B 49 30.71 21.29 43.43
C LYS B 49 30.59 22.08 44.71
N GLY B 50 31.72 22.60 45.21
CA GLY B 50 31.73 23.42 46.40
C GLY B 50 31.37 22.76 47.71
N ARG B 51 30.15 22.20 47.79
CA ARG B 51 29.69 21.59 49.02
C ARG B 51 30.58 20.43 49.44
N PHE B 52 30.94 19.56 48.50
CA PHE B 52 31.78 18.40 48.74
C PHE B 52 33.18 18.67 48.20
N THR B 53 34.20 18.40 49.01
CA THR B 53 35.58 18.60 48.56
C THR B 53 36.46 17.51 49.13
N ILE B 54 37.61 17.30 48.49
CA ILE B 54 38.50 16.20 48.80
C ILE B 54 39.92 16.75 48.94
N SER B 55 40.61 16.28 49.99
CA SER B 55 42.02 16.64 50.24
C SER B 55 42.86 15.38 50.02
N GLN B 56 44.06 15.49 49.46
CA GLN B 56 44.99 14.37 49.26
C GLN B 56 46.42 14.82 49.56
N ASP B 57 47.22 13.97 50.18
CA ASP B 57 48.63 14.19 50.40
C ASP B 57 49.36 12.88 50.31
N ASN B 58 50.66 12.93 50.00
CA ASN B 58 51.46 11.72 49.84
C ASN B 58 52.24 11.23 51.06
N ALA B 59 52.70 12.16 51.90
CA ALA B 59 53.58 11.78 53.00
C ALA B 59 52.85 10.94 54.04
N LYS B 60 51.68 11.41 54.49
CA LYS B 60 50.95 10.72 55.56
C LYS B 60 50.10 9.56 55.05
N ASN B 61 49.94 9.42 53.74
CA ASN B 61 49.32 8.24 53.13
C ASN B 61 47.86 8.05 53.55
N THR B 62 47.14 9.14 53.77
CA THR B 62 45.71 9.09 54.06
C THR B 62 44.94 9.94 53.05
N LEU B 63 43.61 9.95 53.20
CA LEU B 63 42.73 10.67 52.30
C LEU B 63 41.63 11.34 53.12
N TYR B 64 41.31 12.59 52.82
CA TYR B 64 40.29 13.32 53.54
C TYR B 64 39.19 13.80 52.59
N LEU B 65 37.94 13.77 53.06
CA LEU B 65 36.77 14.27 52.28
C LEU B 65 35.97 15.14 53.25
N GLN B 66 35.70 16.39 52.91
CA GLN B 66 35.06 17.37 53.78
C GLN B 66 33.80 17.89 53.09
N MET B 67 32.74 18.07 53.86
CA MET B 67 31.55 18.68 53.31
C MET B 67 30.87 19.65 54.27
N ASN B 68 29.89 20.38 53.74
CA ASN B 68 29.09 21.33 54.49
C ASN B 68 27.58 21.43 54.53
N SER B 69 27.05 21.92 55.66
CA SER B 69 25.60 21.94 55.89
C SER B 69 24.83 20.70 55.37
N LEU B 70 24.68 19.74 56.29
CA LEU B 70 24.07 18.47 55.90
C LEU B 70 22.64 18.32 55.46
N LYS B 71 22.42 17.43 54.46
CA LYS B 71 21.08 17.11 53.92
C LYS B 71 20.77 15.65 54.26
N PRO B 72 19.64 15.31 54.91
CA PRO B 72 19.25 13.94 55.18
C PRO B 72 19.30 13.28 53.84
N GLU B 73 18.74 13.78 52.71
CA GLU B 73 19.06 13.27 51.34
C GLU B 73 20.45 12.54 51.31
N ASP B 74 21.63 13.16 51.56
CA ASP B 74 22.91 12.47 51.69
C ASP B 74 23.24 11.45 52.78
N THR B 75 22.40 10.44 52.94
CA THR B 75 22.70 9.26 53.73
C THR B 75 23.10 8.08 52.86
N ALA B 76 24.26 7.49 53.16
CA ALA B 76 24.82 6.52 52.21
C ALA B 76 26.03 5.88 52.87
N MET B 77 26.51 4.81 52.25
CA MET B 77 27.76 4.17 52.65
C MET B 77 28.72 4.74 51.61
N TYR B 78 29.91 5.10 52.06
CA TYR B 78 30.96 5.68 51.18
C TYR B 78 32.08 4.67 51.09
N TYR B 79 32.84 4.60 50.00
CA TYR B 79 34.02 3.76 49.90
C TYR B 79 35.15 4.60 49.34
N CYS B 80 36.37 4.33 49.79
CA CYS B 80 37.57 4.94 49.24
C CYS B 80 38.26 3.91 48.37
N ALA B 81 38.55 4.27 47.12
CA ALA B 81 39.08 3.34 46.15
C ALA B 81 40.33 3.92 45.50
N SER B 82 41.19 3.02 45.01
CA SER B 82 42.43 3.43 44.39
C SER B 82 42.82 2.53 43.23
N ARG B 83 43.54 3.11 42.28
CA ARG B 83 44.22 2.40 41.22
C ARG B 83 45.72 2.55 41.23
N THR B 84 46.44 1.59 40.66
CA THR B 84 47.90 1.61 40.75
C THR B 84 48.40 1.51 39.33
N ARG B 85 47.81 0.62 38.53
CA ARG B 85 48.39 0.35 37.19
C ARG B 85 47.66 1.02 36.01
N ALA B 86 48.39 1.36 34.96
CA ALA B 86 47.86 1.89 33.70
C ALA B 86 46.81 2.98 33.94
N GLY B 87 47.29 4.17 34.31
CA GLY B 87 46.41 5.29 34.53
C GLY B 87 45.91 5.86 33.21
N VAL B 88 45.01 5.12 32.55
CA VAL B 88 44.60 5.47 31.20
C VAL B 88 43.91 6.83 31.17
N THR B 89 43.00 7.07 32.11
CA THR B 89 42.24 8.32 32.11
C THR B 89 41.72 8.60 33.51
N CYS B 90 41.36 9.87 33.73
CA CYS B 90 40.72 10.25 34.98
C CYS B 90 39.37 9.57 35.10
N GLY B 91 39.06 9.11 36.31
CA GLY B 91 37.89 8.26 36.47
C GLY B 91 36.84 8.77 37.45
N LEU B 92 35.58 8.75 37.00
CA LEU B 92 34.45 8.96 37.88
C LEU B 92 33.57 7.73 38.02
N ASN B 93 33.81 6.69 37.23
CA ASN B 93 33.06 5.46 37.31
C ASN B 93 33.89 4.38 38.00
N TRP B 94 33.19 3.40 38.58
CA TRP B 94 33.81 2.36 39.38
C TRP B 94 34.66 1.39 38.57
N ALA B 95 34.57 1.43 37.24
CA ALA B 95 35.21 0.41 36.42
C ALA B 95 36.73 0.46 36.53
N ILE B 96 37.31 1.66 36.59
CA ILE B 96 38.76 1.80 36.45
C ILE B 96 39.48 1.74 37.80
N PHE B 97 38.74 1.34 38.85
CA PHE B 97 39.32 1.21 40.22
C PHE B 97 39.60 -0.26 40.51
N SER B 98 40.79 -0.58 41.03
CA SER B 98 41.19 -1.95 41.31
C SER B 98 41.01 -2.32 42.79
N TYR B 99 41.44 -1.45 43.70
CA TYR B 99 41.37 -1.72 45.12
C TYR B 99 40.21 -0.93 45.72
N TRP B 100 39.48 -1.57 46.63
CA TRP B 100 38.36 -0.93 47.31
C TRP B 100 38.52 -1.10 48.82
N GLY B 101 38.06 -0.10 49.56
CA GLY B 101 38.11 -0.14 51.01
C GLY B 101 36.80 -0.52 51.67
N GLN B 102 36.87 -0.68 52.99
CA GLN B 102 35.68 -1.03 53.76
C GLN B 102 34.64 0.09 53.69
N GLY B 103 35.06 1.33 53.85
CA GLY B 103 34.14 2.46 53.82
C GLY B 103 33.47 2.66 55.17
N THR B 104 32.59 3.66 55.21
CA THR B 104 31.84 3.95 56.42
C THR B 104 30.45 4.45 56.04
N GLN B 105 29.49 4.25 56.92
CA GLN B 105 28.12 4.68 56.68
C GLN B 105 27.91 6.07 57.25
N VAL B 106 27.41 6.98 56.44
CA VAL B 106 27.17 8.37 56.84
C VAL B 106 25.67 8.60 56.94
N THR B 107 25.24 9.09 58.11
CA THR B 107 23.86 9.42 58.40
C THR B 107 23.79 10.82 58.99
#